data_1Z3K
#
_entry.id   1Z3K
#
_entity_poly.entity_id   1
_entity_poly.type   'polypeptide(L)'
_entity_poly.pdbx_seq_one_letter_code
;REWYYGNVTRHQAECALNERGVEGDFLIRDSESSPSDFSVSLKASGKNKHFKVQLVDNVYCIGQRRFHTMDELVEHYKKA
PIFTSEHGEKLYLVRALQ
;
_entity_poly.pdbx_strand_id   A
#
# COMPACT_ATOMS: atom_id res chain seq x y z
N ARG A 1 15.16 0.31 6.72
CA ARG A 1 16.52 0.26 6.12
C ARG A 1 16.47 -0.14 4.65
N GLU A 2 15.76 -1.23 4.37
CA GLU A 2 15.64 -1.72 3.01
C GLU A 2 14.16 -1.88 2.61
N TRP A 3 13.31 -1.04 3.19
CA TRP A 3 11.88 -1.08 2.92
C TRP A 3 11.50 0.01 1.93
N TYR A 4 11.75 1.26 2.31
CA TYR A 4 11.43 2.40 1.46
C TYR A 4 12.69 2.98 0.83
N TYR A 5 12.91 2.65 -0.44
CA TYR A 5 14.08 3.13 -1.17
C TYR A 5 13.67 4.12 -2.26
N GLY A 6 12.38 4.13 -2.61
CA GLY A 6 11.89 5.02 -3.64
C GLY A 6 10.93 4.32 -4.58
N ASN A 7 11.08 3.02 -4.67
CA ASN A 7 10.25 2.19 -5.53
C ASN A 7 10.25 0.75 -5.03
N VAL A 8 9.13 0.32 -4.44
CA VAL A 8 9.02 -1.02 -3.90
C VAL A 8 7.59 -1.59 -3.95
N THR A 9 7.18 -2.03 -5.14
CA THR A 9 5.86 -2.64 -5.32
C THR A 9 5.61 -3.00 -6.78
N ARG A 10 4.54 -3.76 -7.02
CA ARG A 10 4.20 -4.23 -8.36
C ARG A 10 5.24 -5.25 -8.82
N HIS A 11 6.50 -4.85 -8.80
CA HIS A 11 7.60 -5.73 -9.18
C HIS A 11 8.43 -6.05 -7.94
N GLN A 12 8.74 -5.01 -7.18
CA GLN A 12 9.51 -5.17 -5.95
C GLN A 12 8.63 -5.79 -4.87
N ALA A 13 7.37 -5.35 -4.80
CA ALA A 13 6.45 -5.88 -3.81
C ALA A 13 6.42 -7.40 -3.87
N GLU A 14 6.44 -7.94 -5.09
CA GLU A 14 6.47 -9.40 -5.24
C GLU A 14 7.85 -9.88 -4.85
N CYS A 15 8.84 -9.06 -5.12
CA CYS A 15 10.21 -9.39 -4.76
C CYS A 15 10.35 -9.45 -3.24
N ALA A 16 9.34 -8.95 -2.51
CA ALA A 16 9.35 -8.95 -1.06
C ALA A 16 8.29 -9.88 -0.48
N LEU A 17 7.15 -9.96 -1.16
CA LEU A 17 6.06 -10.80 -0.73
C LEU A 17 5.91 -11.97 -1.67
N ASN A 18 6.95 -12.21 -2.46
CA ASN A 18 7.01 -13.29 -3.44
C ASN A 18 6.20 -14.48 -2.97
N GLU A 19 6.32 -14.75 -1.68
CA GLU A 19 5.62 -15.87 -1.04
C GLU A 19 4.19 -15.99 -1.60
N ARG A 20 3.60 -14.84 -1.93
CA ARG A 20 2.25 -14.77 -2.50
C ARG A 20 1.20 -14.76 -1.41
N GLY A 21 1.12 -13.65 -0.68
CA GLY A 21 0.13 -13.53 0.38
C GLY A 21 0.67 -13.97 1.72
N VAL A 22 1.66 -13.25 2.22
CA VAL A 22 2.28 -13.57 3.50
C VAL A 22 2.11 -12.43 4.50
N GLU A 23 1.47 -12.74 5.64
CA GLU A 23 1.24 -11.75 6.69
C GLU A 23 0.67 -10.45 6.11
N GLY A 24 0.54 -9.44 6.97
CA GLY A 24 0.01 -8.16 6.53
C GLY A 24 1.11 -7.24 6.02
N ASP A 25 1.79 -7.67 4.97
CA ASP A 25 2.87 -6.87 4.38
C ASP A 25 2.32 -5.88 3.36
N PHE A 26 2.50 -4.59 3.65
CA PHE A 26 2.02 -3.52 2.77
C PHE A 26 3.15 -2.54 2.50
N LEU A 27 3.28 -2.15 1.25
CA LEU A 27 4.33 -1.21 0.87
C LEU A 27 3.85 -0.20 -0.17
N ILE A 28 4.15 1.07 0.10
CA ILE A 28 3.78 2.16 -0.80
C ILE A 28 5.03 2.78 -1.42
N ARG A 29 4.95 3.12 -2.69
CA ARG A 29 6.10 3.68 -3.39
C ARG A 29 5.68 4.79 -4.35
N ASP A 30 6.60 5.71 -4.59
CA ASP A 30 6.35 6.83 -5.49
C ASP A 30 6.55 6.41 -6.94
N SER A 31 5.77 7.00 -7.84
CA SER A 31 5.86 6.68 -9.26
C SER A 31 6.69 7.73 -9.99
N GLU A 32 7.97 7.43 -10.20
CA GLU A 32 8.88 8.34 -10.89
C GLU A 32 8.21 8.99 -12.11
N SER A 33 7.30 8.25 -12.74
CA SER A 33 6.59 8.75 -13.91
C SER A 33 5.82 10.01 -13.58
N SER A 34 5.27 10.06 -12.37
CA SER A 34 4.50 11.22 -11.92
C SER A 34 5.13 11.86 -10.69
N PRO A 35 4.88 13.16 -10.46
CA PRO A 35 5.43 13.88 -9.32
C PRO A 35 4.69 13.59 -8.02
N SER A 36 3.41 13.26 -8.13
CA SER A 36 2.59 12.97 -6.96
C SER A 36 1.84 11.64 -7.14
N ASP A 37 2.57 10.62 -7.54
CA ASP A 37 1.98 9.29 -7.75
C ASP A 37 2.55 8.29 -6.74
N PHE A 38 1.67 7.51 -6.12
CA PHE A 38 2.08 6.51 -5.15
C PHE A 38 1.29 5.21 -5.31
N SER A 39 1.97 4.09 -5.16
CA SER A 39 1.34 2.77 -5.28
C SER A 39 1.66 1.90 -4.09
N VAL A 40 0.69 1.10 -3.64
CA VAL A 40 0.92 0.22 -2.50
C VAL A 40 0.15 -1.11 -2.62
N SER A 41 0.84 -2.20 -2.31
CA SER A 41 0.25 -3.55 -2.39
C SER A 41 0.32 -4.30 -1.06
N LEU A 42 -0.77 -4.99 -0.71
CA LEU A 42 -0.84 -5.77 0.54
C LEU A 42 -1.04 -7.25 0.24
N LYS A 43 -0.68 -8.09 1.21
CA LYS A 43 -0.81 -9.54 1.07
C LYS A 43 -2.05 -10.06 1.80
N ALA A 44 -2.59 -11.16 1.29
CA ALA A 44 -3.77 -11.78 1.88
C ALA A 44 -3.71 -13.30 1.70
N SER A 45 -4.78 -13.99 2.08
CA SER A 45 -4.84 -15.44 1.96
C SER A 45 -4.69 -15.85 0.50
N GLY A 46 -3.45 -15.90 0.02
CA GLY A 46 -3.18 -16.28 -1.36
C GLY A 46 -3.56 -15.19 -2.36
N LYS A 47 -4.11 -14.08 -1.86
CA LYS A 47 -4.52 -12.97 -2.71
C LYS A 47 -3.60 -11.77 -2.53
N ASN A 48 -3.66 -10.84 -3.47
CA ASN A 48 -2.84 -9.63 -3.41
C ASN A 48 -3.69 -8.40 -3.71
N LYS A 49 -3.86 -7.54 -2.71
CA LYS A 49 -4.66 -6.33 -2.85
C LYS A 49 -3.78 -5.12 -3.20
N HIS A 50 -3.88 -4.66 -4.44
CA HIS A 50 -3.12 -3.52 -4.90
C HIS A 50 -4.01 -2.29 -5.04
N PHE A 51 -3.47 -1.13 -4.70
CA PHE A 51 -4.23 0.12 -4.79
C PHE A 51 -3.36 1.25 -5.30
N LYS A 52 -3.99 2.21 -6.00
CA LYS A 52 -3.29 3.35 -6.56
C LYS A 52 -3.53 4.59 -5.71
N VAL A 53 -2.47 5.36 -5.47
CA VAL A 53 -2.56 6.59 -4.69
C VAL A 53 -2.18 7.80 -5.53
N GLN A 54 -3.18 8.61 -5.87
CA GLN A 54 -2.97 9.80 -6.69
C GLN A 54 -3.49 11.06 -6.00
N LEU A 55 -2.81 12.17 -6.23
CA LEU A 55 -3.19 13.46 -5.66
C LEU A 55 -4.19 14.15 -6.58
N VAL A 56 -5.44 14.25 -6.13
CA VAL A 56 -6.49 14.87 -6.92
C VAL A 56 -6.95 16.21 -6.31
N ASP A 57 -7.13 17.20 -7.17
CA ASP A 57 -7.59 18.54 -6.76
C ASP A 57 -7.10 18.92 -5.36
N ASN A 58 -5.79 18.91 -5.18
CA ASN A 58 -5.19 19.27 -3.88
C ASN A 58 -5.65 18.29 -2.80
N VAL A 59 -5.89 17.05 -3.21
CA VAL A 59 -6.34 16.01 -2.31
C VAL A 59 -5.56 14.72 -2.57
N TYR A 60 -5.44 13.88 -1.57
CA TYR A 60 -4.72 12.62 -1.71
C TYR A 60 -5.67 11.43 -1.73
N CYS A 61 -5.82 10.84 -2.91
CA CYS A 61 -6.71 9.69 -3.09
C CYS A 61 -5.97 8.37 -2.96
N ILE A 62 -6.69 7.34 -2.51
CA ILE A 62 -6.12 6.01 -2.34
C ILE A 62 -7.11 4.94 -2.80
N GLY A 63 -6.79 4.27 -3.90
CA GLY A 63 -7.67 3.24 -4.42
C GLY A 63 -8.86 3.82 -5.17
N GLN A 64 -9.97 3.99 -4.45
CA GLN A 64 -11.19 4.54 -5.05
C GLN A 64 -11.88 5.50 -4.09
N ARG A 65 -11.09 6.36 -3.46
CA ARG A 65 -11.62 7.34 -2.51
C ARG A 65 -10.64 8.49 -2.32
N ARG A 66 -11.10 9.57 -1.70
CA ARG A 66 -10.26 10.73 -1.47
C ARG A 66 -10.07 10.98 0.02
N PHE A 67 -8.81 11.20 0.41
CA PHE A 67 -8.47 11.43 1.81
C PHE A 67 -7.48 12.58 1.93
N HIS A 68 -7.39 13.15 3.12
CA HIS A 68 -6.48 14.28 3.38
C HIS A 68 -5.03 13.82 3.54
N THR A 69 -4.76 12.56 3.23
CA THR A 69 -3.41 12.02 3.35
C THR A 69 -3.08 11.13 2.15
N MET A 70 -1.79 10.96 1.87
CA MET A 70 -1.36 10.15 0.74
C MET A 70 -0.44 9.01 1.18
N ASP A 71 0.82 9.33 1.46
CA ASP A 71 1.79 8.34 1.89
C ASP A 71 1.97 8.37 3.40
N GLU A 72 1.10 9.12 4.07
CA GLU A 72 1.15 9.22 5.53
C GLU A 72 0.13 8.28 6.16
N LEU A 73 -0.83 7.85 5.36
CA LEU A 73 -1.86 6.94 5.84
C LEU A 73 -1.31 5.56 6.11
N VAL A 74 -0.11 5.30 5.63
CA VAL A 74 0.52 4.01 5.86
C VAL A 74 1.16 3.99 7.24
N GLU A 75 1.21 5.16 7.85
CA GLU A 75 1.81 5.30 9.18
C GLU A 75 0.78 5.01 10.27
N HIS A 76 -0.50 5.29 9.98
CA HIS A 76 -1.57 5.05 10.95
C HIS A 76 -2.81 4.48 10.27
N TYR A 77 -2.66 4.04 9.02
CA TYR A 77 -3.77 3.46 8.26
C TYR A 77 -5.10 4.13 8.59
N LYS A 78 -5.13 5.46 8.49
CA LYS A 78 -6.33 6.23 8.75
C LYS A 78 -7.41 5.85 7.73
N LYS A 79 -7.97 6.81 7.01
CA LYS A 79 -8.96 6.48 5.99
C LYS A 79 -8.24 5.88 4.79
N ALA A 80 -7.64 4.72 5.03
CA ALA A 80 -6.87 3.98 4.04
C ALA A 80 -7.66 2.78 3.55
N PRO A 81 -7.38 2.28 2.33
CA PRO A 81 -8.05 1.11 1.76
C PRO A 81 -7.98 -0.11 2.69
N ILE A 82 -7.56 0.11 3.93
CA ILE A 82 -7.46 -0.94 4.90
C ILE A 82 -8.83 -1.56 5.13
N PHE A 83 -8.86 -2.88 5.21
CA PHE A 83 -10.15 -3.60 5.41
C PHE A 83 -10.01 -4.83 6.31
N THR A 84 -10.97 -5.04 7.22
CA THR A 84 -10.91 -6.19 8.11
C THR A 84 -11.67 -7.41 7.60
N SER A 85 -11.17 -8.57 7.99
CA SER A 85 -11.77 -9.85 7.64
C SER A 85 -12.27 -10.54 8.89
N GLU A 86 -13.33 -11.34 8.76
CA GLU A 86 -13.90 -12.07 9.90
C GLU A 86 -12.84 -12.42 10.93
N HIS A 87 -11.87 -13.22 10.50
CA HIS A 87 -10.76 -13.62 11.37
C HIS A 87 -9.44 -13.31 10.69
N GLY A 88 -9.47 -12.32 9.79
CA GLY A 88 -8.27 -11.92 9.07
C GLY A 88 -7.75 -10.58 9.52
N GLU A 89 -8.57 -9.84 10.25
CA GLU A 89 -8.19 -8.52 10.74
C GLU A 89 -8.14 -7.52 9.61
N LYS A 90 -7.75 -6.30 9.96
CA LYS A 90 -7.68 -5.20 8.99
C LYS A 90 -6.48 -5.31 8.06
N LEU A 91 -6.71 -5.02 6.78
CA LEU A 91 -5.63 -4.97 5.81
C LEU A 91 -4.92 -3.69 6.10
N TYR A 92 -3.94 -3.78 6.99
CA TYR A 92 -3.22 -2.60 7.46
C TYR A 92 -2.04 -2.22 6.58
N LEU A 93 -1.95 -0.93 6.34
CA LEU A 93 -0.89 -0.37 5.54
C LEU A 93 0.35 -0.15 6.41
N VAL A 94 1.22 -1.14 6.45
CA VAL A 94 2.43 -1.06 7.26
C VAL A 94 3.67 -0.83 6.38
N ARG A 95 4.52 -1.85 6.23
CA ARG A 95 5.73 -1.71 5.43
C ARG A 95 6.16 -3.02 4.81
N ALA A 96 7.20 -2.94 4.01
CA ALA A 96 7.75 -4.08 3.32
C ALA A 96 8.57 -4.96 4.27
N LEU A 97 8.28 -6.26 4.26
CA LEU A 97 8.97 -7.23 5.11
C LEU A 97 9.03 -6.74 6.57
N GLN A 98 9.73 -7.50 7.41
CA GLN A 98 9.87 -7.14 8.82
C GLN A 98 10.70 -5.88 8.98
N ARG A 1 16.10 -3.63 6.99
CA ARG A 1 15.13 -2.54 6.70
C ARG A 1 14.73 -2.53 5.23
N GLU A 2 15.55 -1.88 4.39
CA GLU A 2 15.28 -1.80 2.96
C GLU A 2 13.82 -1.45 2.67
N TRP A 3 13.17 -0.76 3.59
CA TRP A 3 11.78 -0.36 3.39
C TRP A 3 11.69 1.05 2.84
N TYR A 4 12.68 1.88 3.18
CA TYR A 4 12.73 3.26 2.72
C TYR A 4 14.07 3.55 2.05
N TYR A 5 14.09 4.58 1.21
CA TYR A 5 15.31 4.97 0.50
C TYR A 5 14.98 5.98 -0.61
N GLY A 6 13.80 5.82 -1.20
CA GLY A 6 13.37 6.70 -2.27
C GLY A 6 12.87 5.93 -3.48
N ASN A 7 13.11 4.62 -3.47
CA ASN A 7 12.68 3.76 -4.56
C ASN A 7 12.58 2.32 -4.07
N VAL A 8 11.34 1.84 -3.93
CA VAL A 8 11.10 0.47 -3.48
C VAL A 8 9.84 -0.08 -4.13
N THR A 9 9.41 -1.26 -3.70
CA THR A 9 8.20 -1.85 -4.25
C THR A 9 8.33 -2.00 -5.77
N ARG A 10 7.27 -2.49 -6.42
CA ARG A 10 7.28 -2.71 -7.87
C ARG A 10 8.16 -3.92 -8.18
N HIS A 11 9.40 -3.85 -7.73
CA HIS A 11 10.35 -4.95 -7.89
C HIS A 11 10.35 -5.76 -6.61
N GLN A 12 10.26 -5.05 -5.49
CA GLN A 12 10.23 -5.68 -4.18
C GLN A 12 8.86 -6.27 -3.88
N ALA A 13 7.80 -5.52 -4.20
CA ALA A 13 6.44 -5.99 -3.96
C ALA A 13 6.26 -7.43 -4.45
N GLU A 14 6.94 -7.77 -5.54
CA GLU A 14 6.84 -9.12 -6.09
C GLU A 14 7.84 -10.01 -5.38
N CYS A 15 9.08 -9.55 -5.35
CA CYS A 15 10.15 -10.30 -4.68
C CYS A 15 9.86 -10.46 -3.19
N ALA A 16 8.82 -9.77 -2.68
CA ALA A 16 8.49 -9.85 -1.27
C ALA A 16 7.31 -10.77 -1.01
N LEU A 17 6.37 -10.82 -1.93
CA LEU A 17 5.21 -11.68 -1.80
C LEU A 17 5.11 -12.62 -2.99
N ASN A 18 6.18 -12.69 -3.77
CA ASN A 18 6.23 -13.54 -4.96
C ASN A 18 5.57 -14.89 -4.70
N GLU A 19 5.63 -15.32 -3.44
CA GLU A 19 5.03 -16.60 -3.05
C GLU A 19 3.56 -16.68 -3.44
N ARG A 20 2.76 -15.75 -2.91
CA ARG A 20 1.31 -15.65 -3.18
C ARG A 20 0.52 -15.83 -1.89
N GLY A 21 0.25 -14.72 -1.21
CA GLY A 21 -0.51 -14.77 0.03
C GLY A 21 0.32 -15.24 1.22
N VAL A 22 0.90 -14.29 1.95
CA VAL A 22 1.70 -14.60 3.13
C VAL A 22 1.59 -13.48 4.16
N GLU A 23 1.13 -13.83 5.37
CA GLU A 23 0.98 -12.85 6.45
C GLU A 23 0.45 -11.50 5.93
N GLY A 24 1.02 -10.39 6.40
CA GLY A 24 0.59 -9.07 5.96
C GLY A 24 1.74 -8.22 5.48
N ASP A 25 1.83 -8.02 4.17
CA ASP A 25 2.90 -7.20 3.60
C ASP A 25 2.33 -6.14 2.65
N PHE A 26 2.56 -4.86 3.00
CA PHE A 26 2.09 -3.73 2.19
C PHE A 26 3.22 -2.75 1.98
N LEU A 27 3.41 -2.33 0.74
CA LEU A 27 4.46 -1.37 0.43
C LEU A 27 4.01 -0.34 -0.60
N ILE A 28 4.26 0.93 -0.29
CA ILE A 28 3.93 2.05 -1.16
C ILE A 28 5.18 2.58 -1.84
N ARG A 29 5.06 2.98 -3.09
CA ARG A 29 6.21 3.45 -3.85
C ARG A 29 5.95 4.81 -4.50
N ASP A 30 7.04 5.51 -4.79
CA ASP A 30 6.98 6.81 -5.42
C ASP A 30 7.13 6.67 -6.93
N SER A 31 6.15 7.16 -7.67
CA SER A 31 6.18 7.07 -9.13
C SER A 31 6.83 8.31 -9.74
N GLU A 32 8.13 8.23 -9.98
CA GLU A 32 8.88 9.35 -10.55
C GLU A 32 8.18 9.90 -11.79
N SER A 33 7.47 9.03 -12.50
CA SER A 33 6.74 9.43 -13.70
C SER A 33 5.75 10.54 -13.39
N SER A 34 5.24 10.54 -12.16
CA SER A 34 4.28 11.54 -11.72
C SER A 34 4.59 11.99 -10.30
N PRO A 35 4.85 13.30 -10.09
CA PRO A 35 5.16 13.84 -8.77
C PRO A 35 4.01 13.67 -7.78
N SER A 36 2.82 13.41 -8.31
CA SER A 36 1.64 13.22 -7.48
C SER A 36 1.04 11.83 -7.67
N ASP A 37 1.89 10.83 -7.78
CA ASP A 37 1.44 9.46 -7.97
C ASP A 37 2.23 8.49 -7.09
N PHE A 38 1.49 7.58 -6.46
CA PHE A 38 2.10 6.57 -5.58
C PHE A 38 1.35 5.25 -5.70
N SER A 39 2.07 4.14 -5.51
CA SER A 39 1.48 2.81 -5.61
C SER A 39 1.81 1.94 -4.41
N VAL A 40 0.85 1.13 -3.97
CA VAL A 40 1.08 0.23 -2.86
C VAL A 40 0.30 -1.07 -3.03
N SER A 41 0.98 -2.20 -2.80
CA SER A 41 0.37 -3.52 -2.98
C SER A 41 0.36 -4.34 -1.68
N LEU A 42 -0.78 -5.03 -1.43
CA LEU A 42 -0.96 -5.87 -0.23
C LEU A 42 -1.54 -7.23 -0.57
N LYS A 43 -1.33 -8.17 0.34
CA LYS A 43 -1.86 -9.51 0.20
C LYS A 43 -2.88 -9.80 1.31
N ALA A 44 -3.76 -10.77 1.08
CA ALA A 44 -4.76 -11.12 2.08
C ALA A 44 -4.77 -12.63 2.30
N SER A 45 -5.70 -13.10 3.11
CA SER A 45 -5.80 -14.52 3.37
C SER A 45 -6.23 -15.25 2.11
N GLY A 46 -5.27 -15.49 1.22
CA GLY A 46 -5.56 -16.19 -0.02
C GLY A 46 -5.41 -15.33 -1.24
N LYS A 47 -6.06 -14.19 -1.24
CA LYS A 47 -6.03 -13.28 -2.36
C LYS A 47 -5.26 -12.01 -2.02
N ASN A 48 -4.94 -11.24 -3.04
CA ASN A 48 -4.20 -10.00 -2.88
C ASN A 48 -5.09 -8.80 -3.15
N LYS A 49 -4.83 -7.70 -2.44
CA LYS A 49 -5.61 -6.48 -2.60
C LYS A 49 -4.80 -5.41 -3.34
N HIS A 50 -5.33 -4.95 -4.48
CA HIS A 50 -4.65 -3.92 -5.26
C HIS A 50 -4.91 -2.55 -4.66
N PHE A 51 -3.89 -1.70 -4.67
CA PHE A 51 -4.02 -0.36 -4.11
C PHE A 51 -3.12 0.65 -4.83
N LYS A 52 -3.73 1.76 -5.25
CA LYS A 52 -3.00 2.82 -5.95
C LYS A 52 -3.33 4.17 -5.33
N VAL A 53 -2.30 4.99 -5.09
CA VAL A 53 -2.50 6.31 -4.51
C VAL A 53 -2.14 7.42 -5.49
N GLN A 54 -3.16 8.11 -5.97
CA GLN A 54 -2.98 9.21 -6.91
C GLN A 54 -3.62 10.49 -6.37
N LEU A 55 -2.97 11.62 -6.62
CA LEU A 55 -3.48 12.90 -6.17
C LEU A 55 -4.51 13.45 -7.17
N VAL A 56 -5.77 13.52 -6.73
CA VAL A 56 -6.85 14.01 -7.58
C VAL A 56 -7.38 15.36 -7.09
N ASP A 57 -7.56 16.28 -8.01
CA ASP A 57 -8.09 17.62 -7.70
C ASP A 57 -7.65 18.13 -6.33
N ASN A 58 -6.34 18.28 -6.15
CA ASN A 58 -5.78 18.77 -4.88
C ASN A 58 -6.13 17.81 -3.73
N VAL A 59 -6.45 16.59 -4.07
CA VAL A 59 -6.79 15.57 -3.08
C VAL A 59 -5.95 14.32 -3.30
N TYR A 60 -5.74 13.54 -2.25
CA TYR A 60 -4.95 12.32 -2.37
C TYR A 60 -5.86 11.09 -2.32
N CYS A 61 -5.98 10.42 -3.45
CA CYS A 61 -6.82 9.23 -3.53
C CYS A 61 -6.05 7.96 -3.24
N ILE A 62 -6.76 6.97 -2.72
CA ILE A 62 -6.16 5.68 -2.37
C ILE A 62 -7.08 4.54 -2.79
N GLY A 63 -6.65 3.77 -3.81
CA GLY A 63 -7.46 2.68 -4.29
C GLY A 63 -8.59 3.15 -5.20
N GLN A 64 -9.83 2.96 -4.74
CA GLN A 64 -10.99 3.37 -5.51
C GLN A 64 -11.80 4.42 -4.75
N ARG A 65 -11.09 5.27 -4.01
CA ARG A 65 -11.72 6.33 -3.23
C ARG A 65 -10.74 7.48 -3.01
N ARG A 66 -11.25 8.62 -2.55
CA ARG A 66 -10.40 9.79 -2.32
C ARG A 66 -10.36 10.16 -0.85
N PHE A 67 -9.17 10.44 -0.36
CA PHE A 67 -8.95 10.78 1.04
C PHE A 67 -7.99 11.96 1.20
N HIS A 68 -8.04 12.60 2.37
CA HIS A 68 -7.17 13.73 2.65
C HIS A 68 -5.83 13.26 3.20
N THR A 69 -5.31 12.21 2.59
CA THR A 69 -4.03 11.63 3.02
C THR A 69 -3.30 11.05 1.81
N MET A 70 -1.97 10.95 1.89
CA MET A 70 -1.17 10.43 0.78
C MET A 70 -0.33 9.22 1.21
N ASP A 71 0.99 9.38 1.28
CA ASP A 71 1.88 8.29 1.66
C ASP A 71 2.19 8.33 3.15
N GLU A 72 1.41 9.11 3.90
CA GLU A 72 1.59 9.20 5.34
C GLU A 72 0.63 8.27 6.05
N LEU A 73 -0.41 7.84 5.32
CA LEU A 73 -1.40 6.94 5.85
C LEU A 73 -0.86 5.52 5.99
N VAL A 74 0.33 5.28 5.50
CA VAL A 74 0.89 3.95 5.61
C VAL A 74 1.50 3.74 6.98
N GLU A 75 1.59 4.83 7.74
CA GLU A 75 2.15 4.76 9.09
C GLU A 75 1.07 4.39 10.09
N HIS A 76 -0.18 4.77 9.79
CA HIS A 76 -1.30 4.48 10.67
C HIS A 76 -2.63 4.44 9.89
N TYR A 77 -2.54 4.34 8.56
CA TYR A 77 -3.72 4.29 7.71
C TYR A 77 -4.78 5.29 8.15
N LYS A 78 -4.51 6.57 7.89
CA LYS A 78 -5.44 7.64 8.25
C LYS A 78 -6.85 7.31 7.76
N LYS A 79 -7.06 7.38 6.45
CA LYS A 79 -8.35 7.04 5.88
C LYS A 79 -8.17 6.00 4.78
N ALA A 80 -7.70 4.84 5.18
CA ALA A 80 -7.47 3.72 4.28
C ALA A 80 -8.55 2.66 4.45
N PRO A 81 -8.82 1.85 3.41
CA PRO A 81 -9.80 0.77 3.50
C PRO A 81 -9.29 -0.34 4.39
N ILE A 82 -8.22 -0.05 5.13
CA ILE A 82 -7.61 -1.02 6.03
C ILE A 82 -8.63 -1.47 7.07
N PHE A 83 -8.99 -2.73 6.97
CA PHE A 83 -9.99 -3.32 7.86
C PHE A 83 -9.67 -4.76 8.24
N THR A 84 -10.21 -5.20 9.37
CA THR A 84 -10.03 -6.56 9.86
C THR A 84 -11.39 -7.21 10.12
N SER A 85 -11.64 -8.36 9.49
CA SER A 85 -12.90 -9.06 9.66
C SER A 85 -12.76 -10.24 10.62
N GLU A 86 -13.61 -10.25 11.66
CA GLU A 86 -13.61 -11.32 12.66
C GLU A 86 -12.19 -11.68 13.09
N HIS A 87 -11.30 -10.69 13.12
CA HIS A 87 -9.91 -10.92 13.51
C HIS A 87 -9.31 -12.09 12.72
N GLY A 88 -9.89 -12.35 11.55
CA GLY A 88 -9.40 -13.43 10.71
C GLY A 88 -8.67 -12.91 9.49
N GLU A 89 -9.34 -12.05 8.73
CA GLU A 89 -8.73 -11.45 7.54
C GLU A 89 -8.23 -10.05 7.88
N LYS A 90 -7.06 -9.70 7.36
CA LYS A 90 -6.47 -8.40 7.65
C LYS A 90 -6.12 -7.60 6.40
N LEU A 91 -6.38 -6.30 6.48
CA LEU A 91 -6.06 -5.37 5.41
C LEU A 91 -5.35 -4.19 6.06
N TYR A 92 -4.03 -4.30 6.16
CA TYR A 92 -3.23 -3.26 6.81
C TYR A 92 -2.04 -2.83 5.97
N LEU A 93 -1.73 -1.54 6.02
CA LEU A 93 -0.62 -0.97 5.27
C LEU A 93 0.66 -1.04 6.10
N VAL A 94 1.04 -2.27 6.47
CA VAL A 94 2.24 -2.51 7.27
C VAL A 94 3.46 -1.79 6.68
N ARG A 95 4.31 -2.51 5.94
CA ARG A 95 5.49 -1.89 5.35
C ARG A 95 6.14 -2.79 4.32
N ALA A 96 7.17 -2.23 3.70
CA ALA A 96 7.92 -2.90 2.66
C ALA A 96 8.89 -3.94 3.23
N LEU A 97 8.83 -5.14 2.67
CA LEU A 97 9.70 -6.23 3.11
C LEU A 97 9.32 -6.70 4.52
N GLN A 98 8.91 -7.96 4.62
CA GLN A 98 8.51 -8.53 5.89
C GLN A 98 8.11 -10.00 5.72
N ARG A 1 15.33 -0.95 9.94
CA ARG A 1 16.17 -0.30 8.91
C ARG A 1 16.13 -1.08 7.59
N GLU A 2 14.99 -1.72 7.34
CA GLU A 2 14.82 -2.49 6.11
C GLU A 2 13.41 -2.31 5.55
N TRP A 3 13.23 -1.25 4.76
CA TRP A 3 11.93 -0.95 4.16
C TRP A 3 12.05 -0.94 2.63
N TYR A 4 11.52 0.09 1.99
CA TYR A 4 11.59 0.21 0.55
C TYR A 4 12.90 0.87 0.13
N TYR A 5 13.77 0.11 -0.52
CA TYR A 5 15.06 0.61 -0.96
C TYR A 5 14.90 1.86 -1.83
N GLY A 6 13.71 2.04 -2.40
CA GLY A 6 13.46 3.19 -3.24
C GLY A 6 12.75 2.82 -4.54
N ASN A 7 12.56 1.52 -4.74
CA ASN A 7 11.88 1.02 -5.93
C ASN A 7 11.09 -0.24 -5.58
N VAL A 8 9.81 -0.23 -5.90
CA VAL A 8 8.96 -1.39 -5.60
C VAL A 8 7.81 -1.52 -6.61
N THR A 9 7.05 -2.63 -6.48
CA THR A 9 5.87 -2.95 -7.34
C THR A 9 6.00 -4.21 -8.15
N ARG A 10 4.84 -4.87 -8.33
CA ARG A 10 4.65 -6.09 -9.12
C ARG A 10 5.84 -7.03 -9.13
N HIS A 11 7.02 -6.47 -9.31
CA HIS A 11 8.24 -7.26 -9.35
C HIS A 11 9.08 -6.98 -8.11
N GLN A 12 9.21 -5.69 -7.79
CA GLN A 12 9.96 -5.28 -6.64
C GLN A 12 9.15 -5.54 -5.37
N ALA A 13 7.88 -5.15 -5.40
CA ALA A 13 6.98 -5.37 -4.28
C ALA A 13 7.05 -6.83 -3.86
N GLU A 14 7.35 -7.71 -4.83
CA GLU A 14 7.52 -9.12 -4.54
C GLU A 14 8.80 -9.28 -3.80
N CYS A 15 9.83 -8.63 -4.33
CA CYS A 15 11.14 -8.65 -3.71
C CYS A 15 11.00 -8.35 -2.21
N ALA A 16 9.89 -7.70 -1.84
CA ALA A 16 9.62 -7.35 -0.45
C ALA A 16 8.63 -8.33 0.20
N LEU A 17 7.69 -8.85 -0.60
CA LEU A 17 6.71 -9.82 -0.11
C LEU A 17 7.11 -11.24 -0.49
N ASN A 18 8.09 -11.32 -1.37
CA ASN A 18 8.60 -12.59 -1.87
C ASN A 18 7.53 -13.35 -2.64
N GLU A 19 6.52 -12.63 -3.05
CA GLU A 19 5.41 -13.20 -3.82
C GLU A 19 4.35 -12.15 -4.11
N ARG A 20 3.68 -11.71 -3.04
CA ARG A 20 2.62 -10.70 -3.12
C ARG A 20 1.57 -10.98 -2.04
N GLY A 21 1.55 -12.21 -1.56
CA GLY A 21 0.59 -12.60 -0.53
C GLY A 21 1.24 -13.36 0.61
N VAL A 22 2.15 -12.71 1.33
CA VAL A 22 2.83 -13.34 2.46
C VAL A 22 2.37 -12.74 3.79
N GLU A 23 1.85 -13.61 4.65
CA GLU A 23 1.34 -13.20 5.98
C GLU A 23 0.50 -11.92 5.88
N GLY A 24 1.14 -10.77 6.02
CA GLY A 24 0.43 -9.51 5.95
C GLY A 24 1.39 -8.34 5.80
N ASP A 25 1.89 -8.15 4.59
CA ASP A 25 2.84 -7.08 4.31
C ASP A 25 2.30 -6.08 3.30
N PHE A 26 2.59 -4.80 3.55
CA PHE A 26 2.16 -3.72 2.66
C PHE A 26 3.34 -2.80 2.38
N LEU A 27 3.47 -2.41 1.13
CA LEU A 27 4.55 -1.52 0.74
C LEU A 27 4.07 -0.45 -0.24
N ILE A 28 4.19 0.80 0.18
CA ILE A 28 3.80 1.94 -0.66
C ILE A 28 5.06 2.67 -1.11
N ARG A 29 5.10 3.08 -2.36
CA ARG A 29 6.28 3.74 -2.89
C ARG A 29 5.94 5.02 -3.64
N ASP A 30 6.91 5.92 -3.74
CA ASP A 30 6.73 7.18 -4.45
C ASP A 30 7.03 7.02 -5.93
N SER A 31 6.00 7.23 -6.76
CA SER A 31 6.17 7.11 -8.21
C SER A 31 6.52 8.45 -8.83
N GLU A 32 7.42 8.43 -9.80
CA GLU A 32 7.86 9.65 -10.47
C GLU A 32 6.90 10.03 -11.61
N SER A 33 5.98 9.13 -11.95
CA SER A 33 5.02 9.38 -13.02
C SER A 33 4.33 10.72 -12.82
N SER A 34 3.90 10.97 -11.60
CA SER A 34 3.23 12.23 -11.27
C SER A 34 3.91 12.92 -10.08
N PRO A 35 3.54 14.17 -9.79
CA PRO A 35 4.13 14.93 -8.69
C PRO A 35 3.60 14.50 -7.32
N SER A 36 2.67 13.55 -7.31
CA SER A 36 2.10 13.06 -6.06
C SER A 36 1.49 11.69 -6.25
N ASP A 37 2.09 10.89 -7.12
CA ASP A 37 1.59 9.54 -7.38
C ASP A 37 2.40 8.50 -6.60
N PHE A 38 1.69 7.69 -5.82
CA PHE A 38 2.32 6.64 -5.02
C PHE A 38 1.64 5.28 -5.28
N SER A 39 2.35 4.20 -5.03
CA SER A 39 1.79 2.87 -5.26
C SER A 39 1.99 1.95 -4.05
N VAL A 40 0.98 1.16 -3.70
CA VAL A 40 1.12 0.26 -2.57
C VAL A 40 0.36 -1.06 -2.76
N SER A 41 1.08 -2.16 -2.54
CA SER A 41 0.50 -3.52 -2.69
C SER A 41 0.50 -4.26 -1.34
N LEU A 42 -0.60 -4.95 -1.04
CA LEU A 42 -0.73 -5.69 0.21
C LEU A 42 -1.03 -7.17 -0.02
N LYS A 43 -0.74 -7.98 1.01
CA LYS A 43 -0.99 -9.41 0.96
C LYS A 43 -2.39 -9.74 1.48
N ALA A 44 -3.04 -10.71 0.84
CA ALA A 44 -4.37 -11.14 1.26
C ALA A 44 -4.47 -12.65 1.26
N SER A 45 -5.66 -13.19 1.50
CA SER A 45 -5.85 -14.63 1.52
C SER A 45 -5.56 -15.22 0.13
N GLY A 46 -4.27 -15.41 -0.15
CA GLY A 46 -3.86 -15.95 -1.43
C GLY A 46 -3.98 -14.94 -2.56
N LYS A 47 -4.68 -13.85 -2.31
CA LYS A 47 -4.89 -12.79 -3.29
C LYS A 47 -4.08 -11.55 -2.91
N ASN A 48 -3.92 -10.64 -3.87
CA ASN A 48 -3.19 -9.40 -3.62
C ASN A 48 -4.05 -8.19 -3.95
N LYS A 49 -3.79 -7.08 -3.28
CA LYS A 49 -4.53 -5.84 -3.50
C LYS A 49 -3.59 -4.67 -3.79
N HIS A 50 -3.57 -4.23 -5.04
CA HIS A 50 -2.72 -3.12 -5.44
C HIS A 50 -3.56 -1.91 -5.84
N PHE A 51 -3.09 -0.72 -5.49
CA PHE A 51 -3.79 0.51 -5.82
C PHE A 51 -2.82 1.66 -6.04
N LYS A 52 -3.29 2.67 -6.78
CA LYS A 52 -2.50 3.85 -7.06
C LYS A 52 -3.03 5.05 -6.28
N VAL A 53 -2.13 5.84 -5.73
CA VAL A 53 -2.51 7.00 -4.95
C VAL A 53 -2.05 8.29 -5.63
N GLN A 54 -3.01 9.04 -6.16
CA GLN A 54 -2.73 10.30 -6.84
C GLN A 54 -3.49 11.46 -6.22
N LEU A 55 -2.87 12.63 -6.22
CA LEU A 55 -3.48 13.81 -5.65
C LEU A 55 -4.38 14.49 -6.69
N VAL A 56 -5.67 14.51 -6.41
CA VAL A 56 -6.66 15.11 -7.31
C VAL A 56 -7.25 16.39 -6.71
N ASP A 57 -7.43 17.40 -7.54
CA ASP A 57 -8.01 18.69 -7.13
C ASP A 57 -7.68 19.05 -5.67
N ASN A 58 -6.40 19.01 -5.32
CA ASN A 58 -5.96 19.34 -3.97
C ASN A 58 -6.49 18.32 -2.96
N VAL A 59 -6.63 17.08 -3.43
CA VAL A 59 -7.11 15.98 -2.59
C VAL A 59 -6.32 14.72 -2.88
N TYR A 60 -6.18 13.87 -1.88
CA TYR A 60 -5.44 12.62 -2.05
C TYR A 60 -6.38 11.46 -2.38
N CYS A 61 -6.11 10.79 -3.49
CA CYS A 61 -6.94 9.67 -3.92
C CYS A 61 -6.22 8.34 -3.69
N ILE A 62 -6.90 7.40 -3.04
CA ILE A 62 -6.32 6.07 -2.77
C ILE A 62 -7.09 5.00 -3.55
N GLY A 63 -6.44 4.42 -4.54
CA GLY A 63 -7.08 3.38 -5.34
C GLY A 63 -8.19 3.95 -6.21
N GLN A 64 -9.43 3.79 -5.75
CA GLN A 64 -10.59 4.29 -6.51
C GLN A 64 -11.50 5.11 -5.60
N ARG A 65 -10.90 5.99 -4.80
CA ARG A 65 -11.65 6.84 -3.89
C ARG A 65 -10.82 8.08 -3.52
N ARG A 66 -11.47 9.07 -2.92
CA ARG A 66 -10.79 10.29 -2.53
C ARG A 66 -10.79 10.47 -1.03
N PHE A 67 -9.61 10.69 -0.49
CA PHE A 67 -9.42 10.85 0.95
C PHE A 67 -8.47 12.01 1.25
N HIS A 68 -8.52 12.52 2.47
CA HIS A 68 -7.66 13.62 2.87
C HIS A 68 -6.28 13.08 3.27
N THR A 69 -5.88 11.98 2.65
CA THR A 69 -4.59 11.36 2.94
C THR A 69 -4.04 10.66 1.69
N MET A 70 -2.73 10.51 1.63
CA MET A 70 -2.08 9.87 0.48
C MET A 70 -1.05 8.84 0.93
N ASP A 71 0.13 9.32 1.32
CA ASP A 71 1.20 8.43 1.77
C ASP A 71 1.38 8.56 3.29
N GLU A 72 0.69 9.53 3.87
CA GLU A 72 0.77 9.75 5.31
C GLU A 72 -0.13 8.75 6.04
N LEU A 73 -1.05 8.16 5.29
CA LEU A 73 -1.97 7.18 5.86
C LEU A 73 -1.30 5.84 6.06
N VAL A 74 -0.13 5.66 5.48
CA VAL A 74 0.58 4.43 5.63
C VAL A 74 1.37 4.43 6.93
N GLU A 75 1.40 5.59 7.56
CA GLU A 75 2.11 5.75 8.83
C GLU A 75 1.22 5.40 10.01
N HIS A 76 -0.10 5.50 9.80
CA HIS A 76 -1.06 5.18 10.86
C HIS A 76 -2.42 4.82 10.25
N TYR A 77 -2.39 4.28 9.03
CA TYR A 77 -3.62 3.87 8.34
C TYR A 77 -4.75 4.87 8.54
N LYS A 78 -4.57 6.09 8.03
CA LYS A 78 -5.57 7.14 8.13
C LYS A 78 -6.78 6.79 7.25
N LYS A 79 -7.18 7.69 6.35
CA LYS A 79 -8.31 7.40 5.47
C LYS A 79 -7.89 6.41 4.39
N ALA A 80 -7.53 5.22 4.85
CA ALA A 80 -7.10 4.12 3.99
C ALA A 80 -8.20 3.07 3.87
N PRO A 81 -8.21 2.27 2.79
CA PRO A 81 -9.20 1.20 2.63
C PRO A 81 -8.94 0.09 3.64
N ILE A 82 -8.02 0.38 4.58
CA ILE A 82 -7.64 -0.55 5.60
C ILE A 82 -8.85 -0.92 6.44
N PHE A 83 -9.04 -2.21 6.62
CA PHE A 83 -10.17 -2.74 7.37
C PHE A 83 -9.77 -3.96 8.20
N THR A 84 -10.52 -4.22 9.27
CA THR A 84 -10.26 -5.38 10.12
C THR A 84 -11.55 -6.16 10.39
N SER A 85 -11.43 -7.48 10.47
CA SER A 85 -12.58 -8.34 10.73
C SER A 85 -12.36 -9.15 12.00
N GLU A 86 -13.38 -9.17 12.85
CA GLU A 86 -13.33 -9.88 14.14
C GLU A 86 -12.49 -11.17 14.07
N HIS A 87 -12.85 -12.05 13.13
CA HIS A 87 -12.12 -13.31 12.97
C HIS A 87 -10.61 -13.08 12.97
N GLY A 88 -10.20 -11.90 12.54
CA GLY A 88 -8.80 -11.55 12.51
C GLY A 88 -8.33 -11.09 11.15
N GLU A 89 -9.28 -10.82 10.24
CA GLU A 89 -8.94 -10.37 8.91
C GLU A 89 -8.61 -8.89 8.92
N LYS A 90 -7.33 -8.60 8.89
CA LYS A 90 -6.87 -7.22 8.94
C LYS A 90 -6.23 -6.76 7.63
N LEU A 91 -6.50 -5.50 7.30
CA LEU A 91 -5.95 -4.87 6.10
C LEU A 91 -5.19 -3.64 6.52
N TYR A 92 -3.92 -3.79 6.82
CA TYR A 92 -3.11 -2.66 7.28
C TYR A 92 -1.84 -2.47 6.45
N LEU A 93 -1.41 -1.21 6.33
CA LEU A 93 -0.21 -0.89 5.58
C LEU A 93 1.03 -0.96 6.48
N VAL A 94 1.29 -2.17 7.00
CA VAL A 94 2.43 -2.38 7.89
C VAL A 94 3.73 -1.89 7.23
N ARG A 95 4.51 -2.81 6.69
CA ARG A 95 5.77 -2.46 6.03
C ARG A 95 6.42 -3.67 5.38
N ALA A 96 7.53 -3.40 4.71
CA ALA A 96 8.29 -4.41 4.02
C ALA A 96 9.11 -5.24 5.02
N LEU A 97 8.89 -6.55 5.01
CA LEU A 97 9.62 -7.45 5.91
C LEU A 97 9.59 -8.89 5.37
N GLN A 98 10.62 -9.24 4.60
CA GLN A 98 10.71 -10.58 4.03
C GLN A 98 11.17 -11.59 5.08
N ARG A 1 14.90 -0.58 7.67
CA ARG A 1 15.95 -0.32 6.65
C ARG A 1 15.97 -1.43 5.60
N GLU A 2 17.01 -1.43 4.77
CA GLU A 2 17.16 -2.43 3.72
C GLU A 2 16.01 -2.35 2.71
N TRP A 3 14.86 -2.92 3.07
CA TRP A 3 13.70 -2.92 2.18
C TRP A 3 13.45 -1.53 1.59
N TYR A 4 13.11 -0.57 2.44
CA TYR A 4 12.84 0.79 1.98
C TYR A 4 14.14 1.54 1.69
N TYR A 5 14.04 2.58 0.87
CA TYR A 5 15.20 3.40 0.51
C TYR A 5 14.76 4.52 -0.43
N GLY A 6 14.61 4.20 -1.72
CA GLY A 6 14.18 5.18 -2.70
C GLY A 6 12.91 4.74 -3.39
N ASN A 7 12.61 3.46 -3.27
CA ASN A 7 11.42 2.87 -3.87
C ASN A 7 11.05 1.59 -3.14
N VAL A 8 9.77 1.42 -2.84
CA VAL A 8 9.30 0.23 -2.14
C VAL A 8 8.68 -0.78 -3.10
N THR A 9 7.35 -0.77 -3.19
CA THR A 9 6.62 -1.67 -4.07
C THR A 9 7.26 -1.68 -5.48
N ARG A 10 6.71 -2.46 -6.41
CA ARG A 10 7.27 -2.58 -7.76
C ARG A 10 8.54 -3.41 -7.69
N HIS A 11 9.46 -3.00 -6.83
CA HIS A 11 10.70 -3.72 -6.62
C HIS A 11 10.58 -4.56 -5.35
N GLN A 12 10.01 -3.95 -4.32
CA GLN A 12 9.81 -4.63 -3.04
C GLN A 12 8.61 -5.57 -3.13
N ALA A 13 7.52 -5.10 -3.75
CA ALA A 13 6.33 -5.92 -3.87
C ALA A 13 6.66 -7.26 -4.52
N GLU A 14 7.73 -7.30 -5.30
CA GLU A 14 8.15 -8.54 -5.93
C GLU A 14 8.96 -9.34 -4.94
N CYS A 15 10.06 -8.75 -4.50
CA CYS A 15 10.93 -9.38 -3.52
C CYS A 15 10.15 -9.74 -2.25
N ALA A 16 8.94 -9.18 -2.10
CA ALA A 16 8.12 -9.44 -0.93
C ALA A 16 6.86 -10.23 -1.26
N LEU A 17 6.32 -10.00 -2.45
CA LEU A 17 5.09 -10.69 -2.88
C LEU A 17 5.33 -11.52 -4.13
N ASN A 18 6.58 -11.81 -4.38
CA ASN A 18 6.96 -12.62 -5.54
C ASN A 18 6.05 -13.84 -5.64
N GLU A 19 5.56 -14.29 -4.49
CA GLU A 19 4.67 -15.45 -4.43
C GLU A 19 3.21 -15.04 -4.63
N ARG A 20 2.89 -13.79 -4.29
CA ARG A 20 1.52 -13.28 -4.43
C ARG A 20 0.62 -13.91 -3.37
N GLY A 21 0.89 -13.56 -2.11
CA GLY A 21 0.11 -14.09 -1.02
C GLY A 21 0.95 -14.38 0.21
N VAL A 22 1.45 -13.31 0.83
CA VAL A 22 2.30 -13.45 2.02
C VAL A 22 1.55 -12.98 3.27
N GLU A 23 2.07 -13.34 4.44
CA GLU A 23 1.46 -12.99 5.72
C GLU A 23 0.86 -11.58 5.68
N GLY A 24 1.71 -10.56 5.81
CA GLY A 24 1.24 -9.20 5.78
C GLY A 24 2.20 -8.27 5.11
N ASP A 25 2.57 -8.59 3.89
CA ASP A 25 3.47 -7.77 3.13
C ASP A 25 2.66 -6.69 2.43
N PHE A 26 2.81 -5.47 2.92
CA PHE A 26 2.07 -4.34 2.38
C PHE A 26 3.03 -3.18 2.12
N LEU A 27 2.98 -2.60 0.92
CA LEU A 27 3.91 -1.49 0.62
C LEU A 27 3.36 -0.48 -0.36
N ILE A 28 3.64 0.80 -0.07
CA ILE A 28 3.24 1.93 -0.90
C ILE A 28 4.49 2.56 -1.52
N ARG A 29 4.54 2.62 -2.85
CA ARG A 29 5.70 3.17 -3.53
C ARG A 29 5.36 4.46 -4.28
N ASP A 30 6.38 5.27 -4.52
CA ASP A 30 6.22 6.53 -5.23
C ASP A 30 6.37 6.34 -6.74
N SER A 31 5.89 7.30 -7.51
CA SER A 31 5.98 7.22 -8.97
C SER A 31 6.65 8.47 -9.54
N GLU A 32 7.95 8.39 -9.77
CA GLU A 32 8.70 9.52 -10.31
C GLU A 32 8.02 10.09 -11.55
N SER A 33 7.29 9.25 -12.26
CA SER A 33 6.59 9.68 -13.48
C SER A 33 5.74 10.91 -13.21
N SER A 34 5.14 10.98 -12.03
CA SER A 34 4.31 12.11 -11.65
C SER A 34 4.26 12.27 -10.13
N PRO A 35 4.19 13.52 -9.63
CA PRO A 35 4.14 13.79 -8.20
C PRO A 35 2.82 13.36 -7.57
N SER A 36 1.80 13.20 -8.40
CA SER A 36 0.48 12.80 -7.93
C SER A 36 0.19 11.35 -8.31
N ASP A 37 1.16 10.48 -8.11
CA ASP A 37 0.99 9.06 -8.44
C ASP A 37 1.66 8.17 -7.40
N PHE A 38 0.89 7.24 -6.84
CA PHE A 38 1.39 6.31 -5.84
C PHE A 38 0.75 4.94 -6.02
N SER A 39 1.55 3.88 -5.94
CA SER A 39 1.05 2.52 -6.13
C SER A 39 1.49 1.60 -4.98
N VAL A 40 0.62 0.68 -4.59
CA VAL A 40 0.94 -0.25 -3.50
C VAL A 40 0.44 -1.66 -3.79
N SER A 41 1.21 -2.64 -3.35
CA SER A 41 0.85 -4.04 -3.51
C SER A 41 0.39 -4.58 -2.17
N LEU A 42 -0.77 -5.24 -2.14
CA LEU A 42 -1.32 -5.74 -0.89
C LEU A 42 -1.82 -7.18 -0.98
N LYS A 43 -1.48 -7.99 0.03
CA LYS A 43 -1.92 -9.38 0.12
C LYS A 43 -2.72 -9.59 1.40
N ALA A 44 -3.68 -10.50 1.36
CA ALA A 44 -4.51 -10.79 2.53
C ALA A 44 -4.48 -12.27 2.84
N SER A 45 -5.24 -12.69 3.84
CA SER A 45 -5.29 -14.09 4.20
C SER A 45 -5.97 -14.87 3.08
N GLY A 46 -5.21 -15.17 2.04
CA GLY A 46 -5.75 -15.91 0.92
C GLY A 46 -5.74 -15.12 -0.37
N LYS A 47 -6.38 -13.97 -0.35
CA LYS A 47 -6.48 -13.13 -1.51
C LYS A 47 -5.64 -11.87 -1.33
N ASN A 48 -5.43 -11.16 -2.42
CA ASN A 48 -4.66 -9.93 -2.41
C ASN A 48 -5.37 -8.83 -3.18
N LYS A 49 -5.44 -7.64 -2.61
CA LYS A 49 -6.10 -6.52 -3.28
C LYS A 49 -5.09 -5.59 -3.93
N HIS A 50 -5.50 -4.98 -5.04
CA HIS A 50 -4.65 -4.04 -5.75
C HIS A 50 -4.94 -2.63 -5.24
N PHE A 51 -3.90 -1.88 -4.96
CA PHE A 51 -4.06 -0.54 -4.43
C PHE A 51 -3.45 0.53 -5.33
N LYS A 52 -4.26 1.51 -5.68
CA LYS A 52 -3.82 2.61 -6.54
C LYS A 52 -4.09 3.94 -5.85
N VAL A 53 -3.06 4.74 -5.70
CA VAL A 53 -3.18 6.04 -5.06
C VAL A 53 -2.92 7.17 -6.05
N GLN A 54 -3.99 7.89 -6.39
CA GLN A 54 -3.92 9.00 -7.34
C GLN A 54 -4.43 10.29 -6.72
N LEU A 55 -3.87 11.41 -7.13
CA LEU A 55 -4.26 12.71 -6.61
C LEU A 55 -5.21 13.43 -7.58
N VAL A 56 -6.47 13.52 -7.20
CA VAL A 56 -7.49 14.17 -8.01
C VAL A 56 -7.98 15.48 -7.41
N ASP A 57 -8.22 16.46 -8.26
CA ASP A 57 -8.70 17.78 -7.86
C ASP A 57 -8.14 18.22 -6.51
N ASN A 58 -6.82 18.23 -6.39
CA ASN A 58 -6.15 18.63 -5.16
C ASN A 58 -6.56 17.75 -3.99
N VAL A 59 -6.85 16.49 -4.29
CA VAL A 59 -7.24 15.54 -3.25
C VAL A 59 -6.42 14.27 -3.39
N TYR A 60 -6.27 13.55 -2.29
CA TYR A 60 -5.50 12.31 -2.29
C TYR A 60 -6.42 11.11 -2.46
N CYS A 61 -6.34 10.49 -3.63
CA CYS A 61 -7.16 9.34 -3.97
C CYS A 61 -6.42 8.02 -3.75
N ILE A 62 -7.11 7.06 -3.15
CA ILE A 62 -6.54 5.74 -2.91
C ILE A 62 -7.59 4.66 -3.14
N GLY A 63 -7.17 3.57 -3.76
CA GLY A 63 -8.11 2.50 -4.04
C GLY A 63 -9.27 2.95 -4.90
N GLN A 64 -10.40 3.28 -4.27
CA GLN A 64 -11.58 3.74 -4.99
C GLN A 64 -12.28 4.91 -4.28
N ARG A 65 -11.71 5.35 -3.16
CA ARG A 65 -12.28 6.45 -2.38
C ARG A 65 -11.34 7.64 -2.38
N ARG A 66 -11.85 8.79 -1.94
CA ARG A 66 -11.06 10.01 -1.88
C ARG A 66 -10.87 10.46 -0.44
N PHE A 67 -9.61 10.66 -0.07
CA PHE A 67 -9.27 11.06 1.28
C PHE A 67 -8.19 12.14 1.30
N HIS A 68 -8.09 12.85 2.43
CA HIS A 68 -7.10 13.91 2.58
C HIS A 68 -5.77 13.34 3.08
N THR A 69 -5.35 12.20 2.52
CA THR A 69 -4.11 11.56 2.91
C THR A 69 -3.51 10.76 1.73
N MET A 70 -2.19 10.53 1.77
CA MET A 70 -1.52 9.78 0.70
C MET A 70 -0.01 9.83 0.88
N ASP A 71 0.61 8.65 0.90
CA ASP A 71 2.06 8.51 1.05
C ASP A 71 2.47 8.54 2.51
N GLU A 72 1.74 9.29 3.32
CA GLU A 72 2.03 9.38 4.74
C GLU A 72 1.08 8.46 5.52
N LEU A 73 -0.01 8.09 4.85
CA LEU A 73 -1.01 7.22 5.45
C LEU A 73 -0.56 5.79 5.52
N VAL A 74 0.54 5.48 4.84
CA VAL A 74 1.06 4.13 4.85
C VAL A 74 1.91 3.90 6.09
N GLU A 75 2.16 4.98 6.82
CA GLU A 75 2.95 4.90 8.05
C GLU A 75 2.05 4.64 9.25
N HIS A 76 0.77 4.96 9.11
CA HIS A 76 -0.20 4.76 10.18
C HIS A 76 -1.57 4.39 9.62
N TYR A 77 -1.58 3.86 8.39
CA TYR A 77 -2.81 3.46 7.71
C TYR A 77 -3.96 4.43 7.99
N LYS A 78 -3.79 5.67 7.56
CA LYS A 78 -4.82 6.69 7.76
C LYS A 78 -6.09 6.30 6.99
N LYS A 79 -6.70 7.25 6.27
CA LYS A 79 -7.91 6.92 5.51
C LYS A 79 -7.56 6.16 4.24
N ALA A 80 -7.01 4.97 4.45
CA ALA A 80 -6.61 4.09 3.35
C ALA A 80 -7.60 2.94 3.20
N PRO A 81 -7.69 2.35 2.00
CA PRO A 81 -8.58 1.20 1.73
C PRO A 81 -8.32 0.03 2.66
N ILE A 82 -7.58 0.27 3.74
CA ILE A 82 -7.27 -0.75 4.69
C ILE A 82 -8.54 -1.31 5.30
N PHE A 83 -8.61 -2.62 5.42
CA PHE A 83 -9.80 -3.27 5.96
C PHE A 83 -9.50 -4.49 6.83
N THR A 84 -10.45 -4.79 7.73
CA THR A 84 -10.35 -5.95 8.59
C THR A 84 -11.67 -6.72 8.59
N SER A 85 -11.65 -7.93 8.05
CA SER A 85 -12.86 -8.76 7.97
C SER A 85 -13.08 -9.57 9.24
N GLU A 86 -14.07 -9.13 10.03
CA GLU A 86 -14.44 -9.80 11.28
C GLU A 86 -13.21 -10.27 12.06
N HIS A 87 -12.34 -9.33 12.43
CA HIS A 87 -11.13 -9.65 13.18
C HIS A 87 -10.42 -10.88 12.60
N GLY A 88 -10.62 -11.10 11.31
CA GLY A 88 -10.00 -12.23 10.64
C GLY A 88 -9.08 -11.79 9.53
N GLU A 89 -9.66 -11.49 8.38
CA GLU A 89 -8.87 -11.03 7.24
C GLU A 89 -8.39 -9.61 7.49
N LYS A 90 -7.09 -9.41 7.38
CA LYS A 90 -6.53 -8.10 7.65
C LYS A 90 -5.68 -7.53 6.51
N LEU A 91 -6.04 -6.33 6.09
CA LEU A 91 -5.30 -5.59 5.07
C LEU A 91 -4.75 -4.37 5.74
N TYR A 92 -3.47 -4.09 5.56
CA TYR A 92 -2.84 -2.93 6.17
C TYR A 92 -1.76 -2.35 5.27
N LEU A 93 -1.27 -1.18 5.64
CA LEU A 93 -0.25 -0.51 4.86
C LEU A 93 1.10 -0.51 5.61
N VAL A 94 1.60 -1.70 5.92
CA VAL A 94 2.87 -1.83 6.62
C VAL A 94 4.04 -1.77 5.63
N ARG A 95 4.91 -2.77 5.65
CA ARG A 95 6.06 -2.79 4.75
C ARG A 95 6.67 -4.17 4.66
N ALA A 96 7.68 -4.27 3.81
CA ALA A 96 8.39 -5.51 3.57
C ALA A 96 9.32 -5.83 4.74
N LEU A 97 8.83 -6.61 5.69
CA LEU A 97 9.61 -7.00 6.85
C LEU A 97 9.67 -8.52 6.99
N GLN A 98 10.50 -9.16 6.17
CA GLN A 98 10.64 -10.61 6.20
C GLN A 98 9.32 -11.29 5.83
N ARG A 1 14.60 -6.87 5.97
CA ARG A 1 14.10 -5.47 5.92
C ARG A 1 13.80 -5.03 4.49
N GLU A 2 14.84 -4.64 3.76
CA GLU A 2 14.69 -4.20 2.37
C GLU A 2 13.59 -3.15 2.24
N TRP A 3 13.98 -1.88 2.38
CA TRP A 3 13.01 -0.78 2.28
C TRP A 3 13.73 0.54 1.99
N TYR A 4 13.94 0.82 0.71
CA TYR A 4 14.59 2.06 0.31
C TYR A 4 13.65 3.24 0.45
N TYR A 5 14.09 4.25 1.20
CA TYR A 5 13.29 5.45 1.43
C TYR A 5 12.03 5.12 2.25
N GLY A 6 12.00 3.93 2.84
CA GLY A 6 10.86 3.52 3.65
C GLY A 6 9.59 3.33 2.83
N ASN A 7 9.72 3.33 1.51
CA ASN A 7 8.56 3.15 0.63
C ASN A 7 8.97 2.64 -0.74
N VAL A 8 8.67 1.37 -1.00
CA VAL A 8 9.02 0.75 -2.28
C VAL A 8 7.99 -0.31 -2.68
N THR A 9 8.00 -0.69 -3.95
CA THR A 9 7.06 -1.67 -4.48
C THR A 9 7.33 -1.89 -5.98
N ARG A 10 6.53 -2.74 -6.62
CA ARG A 10 6.70 -3.05 -8.05
C ARG A 10 7.84 -4.05 -8.21
N HIS A 11 8.99 -3.68 -7.69
CA HIS A 11 10.15 -4.55 -7.73
C HIS A 11 10.27 -5.26 -6.39
N GLN A 12 10.20 -4.48 -5.32
CA GLN A 12 10.27 -5.01 -3.97
C GLN A 12 8.94 -5.63 -3.58
N ALA A 13 7.83 -5.04 -4.04
CA ALA A 13 6.50 -5.57 -3.72
C ALA A 13 6.37 -7.02 -4.17
N GLU A 14 7.20 -7.44 -5.12
CA GLU A 14 7.17 -8.81 -5.60
C GLU A 14 8.18 -9.61 -4.80
N CYS A 15 9.36 -9.03 -4.66
CA CYS A 15 10.42 -9.67 -3.90
C CYS A 15 10.13 -9.64 -2.41
N ALA A 16 8.98 -9.05 -2.02
CA ALA A 16 8.62 -8.96 -0.61
C ALA A 16 7.37 -9.78 -0.28
N LEU A 17 6.44 -9.86 -1.23
CA LEU A 17 5.22 -10.64 -1.02
C LEU A 17 5.09 -11.70 -2.12
N ASN A 18 6.07 -11.75 -3.01
CA ASN A 18 6.06 -12.70 -4.11
C ASN A 18 4.77 -12.61 -4.91
N GLU A 19 4.06 -11.51 -4.72
CA GLU A 19 2.78 -11.26 -5.40
C GLU A 19 1.93 -12.53 -5.43
N ARG A 20 1.99 -13.30 -4.35
CA ARG A 20 1.22 -14.53 -4.26
C ARG A 20 0.31 -14.55 -3.03
N GLY A 21 0.44 -13.53 -2.17
CA GLY A 21 -0.39 -13.50 -0.98
C GLY A 21 0.30 -14.09 0.23
N VAL A 22 1.14 -13.31 0.89
CA VAL A 22 1.87 -13.77 2.06
C VAL A 22 1.39 -13.06 3.32
N GLU A 23 0.92 -13.86 4.29
CA GLU A 23 0.44 -13.34 5.57
C GLU A 23 -0.31 -12.00 5.41
N GLY A 24 0.42 -10.90 5.54
CA GLY A 24 -0.17 -9.58 5.40
C GLY A 24 0.86 -8.49 5.27
N ASP A 25 1.53 -8.44 4.12
CA ASP A 25 2.56 -7.44 3.89
C ASP A 25 2.07 -6.33 2.96
N PHE A 26 2.35 -5.08 3.32
CA PHE A 26 1.96 -3.92 2.53
C PHE A 26 3.15 -3.00 2.37
N LEU A 27 3.30 -2.47 1.18
CA LEU A 27 4.40 -1.55 0.91
C LEU A 27 4.01 -0.54 -0.17
N ILE A 28 4.06 0.74 0.19
CA ILE A 28 3.73 1.80 -0.75
C ILE A 28 5.01 2.49 -1.20
N ARG A 29 5.07 2.88 -2.47
CA ARG A 29 6.26 3.51 -3.01
C ARG A 29 5.99 4.85 -3.67
N ASP A 30 7.03 5.67 -3.74
CA ASP A 30 6.94 6.99 -4.36
C ASP A 30 7.34 6.91 -5.82
N SER A 31 6.43 7.31 -6.70
CA SER A 31 6.70 7.28 -8.14
C SER A 31 7.27 8.60 -8.64
N GLU A 32 8.42 8.52 -9.31
CA GLU A 32 9.07 9.70 -9.84
C GLU A 32 8.51 10.07 -11.21
N SER A 33 8.10 9.05 -11.97
CA SER A 33 7.54 9.26 -13.30
C SER A 33 6.33 10.18 -13.23
N SER A 34 5.38 9.83 -12.36
CA SER A 34 4.18 10.63 -12.18
C SER A 34 4.40 11.72 -11.15
N PRO A 35 3.56 12.77 -11.15
CA PRO A 35 3.68 13.88 -10.20
C PRO A 35 3.49 13.44 -8.75
N SER A 36 2.24 13.23 -8.35
CA SER A 36 1.94 12.81 -7.00
C SER A 36 1.34 11.43 -6.98
N ASP A 37 1.95 10.52 -7.72
CA ASP A 37 1.46 9.14 -7.78
C ASP A 37 2.24 8.23 -6.85
N PHE A 38 1.52 7.34 -6.18
CA PHE A 38 2.12 6.37 -5.25
C PHE A 38 1.53 4.99 -5.50
N SER A 39 2.31 3.95 -5.19
CA SER A 39 1.85 2.59 -5.39
C SER A 39 2.07 1.72 -4.16
N VAL A 40 1.03 1.02 -3.74
CA VAL A 40 1.15 0.15 -2.59
C VAL A 40 0.43 -1.18 -2.83
N SER A 41 1.13 -2.28 -2.56
CA SER A 41 0.56 -3.61 -2.76
C SER A 41 0.45 -4.37 -1.43
N LEU A 42 -0.68 -5.05 -1.24
CA LEU A 42 -0.92 -5.82 -0.03
C LEU A 42 -1.30 -7.26 -0.34
N LYS A 43 -1.10 -8.15 0.63
CA LYS A 43 -1.43 -9.56 0.47
C LYS A 43 -2.38 -10.01 1.58
N ALA A 44 -3.52 -10.55 1.19
CA ALA A 44 -4.51 -11.05 2.15
C ALA A 44 -4.50 -12.57 2.20
N SER A 45 -5.44 -13.14 2.94
CA SER A 45 -5.54 -14.59 3.06
C SER A 45 -5.75 -15.23 1.69
N GLY A 46 -4.67 -15.42 0.95
CA GLY A 46 -4.75 -16.02 -0.36
C GLY A 46 -5.09 -15.01 -1.46
N LYS A 47 -5.45 -13.81 -1.04
CA LYS A 47 -5.79 -12.75 -1.98
C LYS A 47 -4.73 -11.67 -1.99
N ASN A 48 -4.76 -10.82 -3.01
CA ASN A 48 -3.79 -9.73 -3.14
C ASN A 48 -4.45 -8.51 -3.75
N LYS A 49 -4.72 -7.50 -2.92
CA LYS A 49 -5.38 -6.28 -3.39
C LYS A 49 -4.38 -5.26 -3.92
N HIS A 50 -4.64 -4.76 -5.12
CA HIS A 50 -3.78 -3.75 -5.75
C HIS A 50 -4.17 -2.37 -5.23
N PHE A 51 -3.22 -1.44 -5.23
CA PHE A 51 -3.50 -0.10 -4.73
C PHE A 51 -2.71 0.98 -5.49
N LYS A 52 -3.41 2.04 -5.87
CA LYS A 52 -2.80 3.18 -6.57
C LYS A 52 -3.23 4.48 -5.92
N VAL A 53 -2.27 5.36 -5.64
CA VAL A 53 -2.59 6.63 -5.01
C VAL A 53 -2.18 7.83 -5.88
N GLN A 54 -3.17 8.50 -6.44
CA GLN A 54 -2.94 9.67 -7.28
C GLN A 54 -3.71 10.88 -6.76
N LEU A 55 -3.13 12.07 -6.91
CA LEU A 55 -3.79 13.28 -6.46
C LEU A 55 -4.69 13.87 -7.54
N VAL A 56 -5.99 13.84 -7.29
CA VAL A 56 -6.98 14.35 -8.22
C VAL A 56 -7.62 15.63 -7.68
N ASP A 57 -7.85 16.58 -8.58
CA ASP A 57 -8.50 17.86 -8.22
C ASP A 57 -8.14 18.32 -6.81
N ASN A 58 -6.86 18.23 -6.46
CA ASN A 58 -6.38 18.66 -5.14
C ASN A 58 -6.81 17.70 -4.03
N VAL A 59 -6.95 16.42 -4.36
CA VAL A 59 -7.33 15.40 -3.37
C VAL A 59 -6.69 14.07 -3.69
N TYR A 60 -6.10 13.45 -2.68
CA TYR A 60 -5.45 12.16 -2.84
C TYR A 60 -6.48 11.06 -3.04
N CYS A 61 -6.28 10.25 -4.07
CA CYS A 61 -7.20 9.17 -4.38
C CYS A 61 -6.58 7.80 -4.09
N ILE A 62 -7.24 7.04 -3.22
CA ILE A 62 -6.77 5.71 -2.86
C ILE A 62 -7.88 4.67 -3.10
N GLY A 63 -7.67 3.81 -4.09
CA GLY A 63 -8.65 2.77 -4.40
C GLY A 63 -10.04 3.31 -4.67
N GLN A 64 -10.25 3.85 -5.87
CA GLN A 64 -11.56 4.39 -6.27
C GLN A 64 -12.19 5.22 -5.15
N ARG A 65 -11.39 6.05 -4.49
CA ARG A 65 -11.90 6.90 -3.41
C ARG A 65 -11.00 8.12 -3.25
N ARG A 66 -11.55 9.18 -2.65
CA ARG A 66 -10.80 10.41 -2.45
C ARG A 66 -10.63 10.72 -0.97
N PHE A 67 -9.38 10.94 -0.58
CA PHE A 67 -9.03 11.23 0.80
C PHE A 67 -8.03 12.37 0.88
N HIS A 68 -7.95 13.01 2.05
CA HIS A 68 -7.01 14.11 2.26
C HIS A 68 -5.70 13.60 2.83
N THR A 69 -5.28 12.45 2.34
CA THR A 69 -4.04 11.83 2.80
C THR A 69 -3.41 10.98 1.70
N MET A 70 -2.11 10.73 1.81
CA MET A 70 -1.38 9.94 0.82
C MET A 70 0.09 9.86 1.19
N ASP A 71 0.59 8.64 1.35
CA ASP A 71 1.99 8.40 1.72
C ASP A 71 2.18 8.53 3.22
N GLU A 72 1.38 9.39 3.83
CA GLU A 72 1.44 9.60 5.28
C GLU A 72 0.39 8.74 5.96
N LEU A 73 -0.59 8.30 5.17
CA LEU A 73 -1.66 7.45 5.67
C LEU A 73 -1.19 6.02 5.84
N VAL A 74 -0.04 5.70 5.29
CA VAL A 74 0.50 4.37 5.40
C VAL A 74 1.24 4.21 6.72
N GLU A 75 1.41 5.33 7.42
CA GLU A 75 2.10 5.32 8.70
C GLU A 75 1.11 5.12 9.84
N HIS A 76 -0.11 5.60 9.64
CA HIS A 76 -1.16 5.47 10.64
C HIS A 76 -2.44 4.94 10.01
N TYR A 77 -2.35 4.42 8.79
CA TYR A 77 -3.50 3.89 8.08
C TYR A 77 -4.70 4.83 8.17
N LYS A 78 -4.53 6.05 7.66
CA LYS A 78 -5.58 7.06 7.68
C LYS A 78 -6.80 6.60 6.86
N LYS A 79 -7.19 7.37 5.84
CA LYS A 79 -8.33 6.98 5.01
C LYS A 79 -7.97 5.81 4.12
N ALA A 80 -7.66 4.69 4.75
CA ALA A 80 -7.30 3.47 4.05
C ALA A 80 -8.43 2.44 4.11
N PRO A 81 -8.51 1.54 3.11
CA PRO A 81 -9.51 0.46 3.11
C PRO A 81 -9.11 -0.62 4.10
N ILE A 82 -8.13 -0.27 4.95
CA ILE A 82 -7.61 -1.18 5.93
C ILE A 82 -8.70 -1.62 6.87
N PHE A 83 -8.91 -2.92 6.92
CA PHE A 83 -9.94 -3.52 7.74
C PHE A 83 -9.49 -4.85 8.35
N THR A 84 -10.04 -5.19 9.51
CA THR A 84 -9.69 -6.45 10.17
C THR A 84 -10.93 -7.21 10.63
N SER A 85 -10.82 -8.52 10.64
CA SER A 85 -11.89 -9.39 11.09
C SER A 85 -11.47 -10.06 12.39
N GLU A 86 -12.37 -10.09 13.37
CA GLU A 86 -12.08 -10.69 14.67
C GLU A 86 -11.42 -12.05 14.49
N HIS A 87 -10.12 -12.11 14.75
CA HIS A 87 -9.37 -13.35 14.59
C HIS A 87 -9.52 -13.86 13.15
N GLY A 88 -9.82 -12.93 12.24
CA GLY A 88 -10.00 -13.28 10.85
C GLY A 88 -8.87 -12.76 9.98
N GLU A 89 -8.15 -11.76 10.50
CA GLU A 89 -7.01 -11.12 9.82
C GLU A 89 -7.20 -9.64 9.66
N LYS A 90 -6.07 -8.94 9.58
CA LYS A 90 -6.08 -7.49 9.46
C LYS A 90 -5.54 -7.02 8.11
N LEU A 91 -6.19 -5.99 7.56
CA LEU A 91 -5.77 -5.40 6.30
C LEU A 91 -5.10 -4.08 6.61
N TYR A 92 -3.80 -4.11 6.83
CA TYR A 92 -3.06 -2.91 7.16
C TYR A 92 -1.86 -2.68 6.26
N LEU A 93 -1.46 -1.42 6.14
CA LEU A 93 -0.30 -1.07 5.34
C LEU A 93 0.97 -1.18 6.17
N VAL A 94 1.20 -2.38 6.72
CA VAL A 94 2.38 -2.64 7.55
C VAL A 94 3.64 -2.07 6.90
N ARG A 95 4.38 -2.92 6.19
CA ARG A 95 5.60 -2.49 5.52
C ARG A 95 6.25 -3.62 4.75
N ALA A 96 7.31 -3.26 4.05
CA ALA A 96 8.07 -4.19 3.25
C ALA A 96 8.95 -5.07 4.14
N LEU A 97 8.36 -6.12 4.70
CA LEU A 97 9.09 -7.03 5.57
C LEU A 97 9.62 -8.24 4.80
N GLN A 98 10.18 -9.20 5.52
CA GLN A 98 10.71 -10.41 4.90
C GLN A 98 9.76 -11.59 5.09
N ARG A 1 16.12 -0.72 6.16
CA ARG A 1 16.86 -0.74 4.87
C ARG A 1 16.24 -1.75 3.91
N GLU A 2 16.24 -1.40 2.62
CA GLU A 2 15.69 -2.26 1.56
C GLU A 2 14.20 -2.02 1.36
N TRP A 3 13.54 -1.41 2.34
CA TRP A 3 12.11 -1.12 2.24
C TRP A 3 11.85 0.39 2.16
N TYR A 4 12.20 1.10 3.22
CA TYR A 4 11.99 2.55 3.26
C TYR A 4 13.17 3.27 2.60
N TYR A 5 12.89 3.91 1.47
CA TYR A 5 13.93 4.64 0.74
C TYR A 5 13.35 5.29 -0.52
N GLY A 6 12.10 5.71 -0.44
CA GLY A 6 11.45 6.32 -1.59
C GLY A 6 11.13 5.33 -2.69
N ASN A 7 11.42 4.05 -2.43
CA ASN A 7 11.15 3.01 -3.40
C ASN A 7 10.92 1.67 -2.71
N VAL A 8 9.75 1.08 -2.93
CA VAL A 8 9.40 -0.20 -2.32
C VAL A 8 8.74 -1.13 -3.33
N THR A 9 7.46 -0.94 -3.53
CA THR A 9 6.69 -1.75 -4.47
C THR A 9 7.36 -1.84 -5.83
N ARG A 10 6.73 -2.54 -6.78
CA ARG A 10 7.29 -2.70 -8.11
C ARG A 10 8.47 -3.67 -8.06
N HIS A 11 9.44 -3.35 -7.23
CA HIS A 11 10.62 -4.18 -7.07
C HIS A 11 10.51 -5.01 -5.80
N GLN A 12 10.23 -4.35 -4.68
CA GLN A 12 10.09 -5.04 -3.41
C GLN A 12 8.73 -5.71 -3.32
N ALA A 13 7.73 -5.11 -3.96
CA ALA A 13 6.39 -5.69 -3.94
C ALA A 13 6.42 -7.15 -4.36
N GLU A 14 7.20 -7.45 -5.39
CA GLU A 14 7.33 -8.83 -5.84
C GLU A 14 8.27 -9.55 -4.90
N CYS A 15 9.45 -9.00 -4.70
CA CYS A 15 10.41 -9.60 -3.79
C CYS A 15 9.81 -9.77 -2.39
N ALA A 16 8.62 -9.20 -2.16
CA ALA A 16 7.97 -9.29 -0.86
C ALA A 16 6.67 -10.11 -0.90
N LEU A 17 5.94 -10.02 -2.01
CA LEU A 17 4.70 -10.77 -2.14
C LEU A 17 4.71 -11.65 -3.38
N ASN A 18 5.90 -11.81 -3.95
CA ASN A 18 6.07 -12.64 -5.13
C ASN A 18 5.30 -13.93 -5.00
N GLU A 19 5.30 -14.47 -3.78
CA GLU A 19 4.60 -15.71 -3.48
C GLU A 19 3.15 -15.63 -3.92
N ARG A 20 2.59 -14.42 -3.86
CA ARG A 20 1.19 -14.17 -4.25
C ARG A 20 0.25 -14.58 -3.12
N GLY A 21 0.21 -13.77 -2.08
CA GLY A 21 -0.65 -14.07 -0.95
C GLY A 21 0.11 -14.68 0.20
N VAL A 22 0.95 -13.87 0.84
CA VAL A 22 1.76 -14.34 1.96
C VAL A 22 1.75 -13.34 3.12
N GLU A 23 1.33 -13.81 4.29
CA GLU A 23 1.28 -12.98 5.49
C GLU A 23 0.65 -11.60 5.19
N GLY A 24 0.80 -10.68 6.13
CA GLY A 24 0.23 -9.34 5.96
C GLY A 24 1.30 -8.31 5.68
N ASP A 25 1.70 -8.20 4.42
CA ASP A 25 2.73 -7.24 4.03
C ASP A 25 2.17 -6.19 3.07
N PHE A 26 2.45 -4.92 3.38
CA PHE A 26 2.00 -3.81 2.54
C PHE A 26 3.14 -2.87 2.24
N LEU A 27 3.06 -2.22 1.09
CA LEU A 27 4.12 -1.30 0.70
C LEU A 27 3.63 -0.27 -0.32
N ILE A 28 3.96 0.99 -0.08
CA ILE A 28 3.57 2.06 -0.98
C ILE A 28 4.80 2.87 -1.41
N ARG A 29 4.88 3.17 -2.70
CA ARG A 29 6.01 3.91 -3.24
C ARG A 29 5.56 4.97 -4.24
N ASP A 30 6.39 5.99 -4.43
CA ASP A 30 6.08 7.06 -5.36
C ASP A 30 6.58 6.72 -6.77
N SER A 31 5.92 7.25 -7.78
CA SER A 31 6.30 7.00 -9.16
C SER A 31 7.27 8.07 -9.67
N GLU A 32 8.23 7.65 -10.48
CA GLU A 32 9.21 8.57 -11.03
C GLU A 32 8.60 9.40 -12.16
N SER A 33 7.71 8.77 -12.92
CA SER A 33 7.06 9.45 -14.04
C SER A 33 6.19 10.60 -13.54
N SER A 34 5.33 10.31 -12.57
CA SER A 34 4.45 11.32 -12.01
C SER A 34 4.95 11.77 -10.64
N PRO A 35 4.91 13.08 -10.36
CA PRO A 35 5.37 13.63 -9.08
C PRO A 35 4.38 13.37 -7.94
N SER A 36 3.11 13.16 -8.30
CA SER A 36 2.08 12.91 -7.31
C SER A 36 1.39 11.57 -7.58
N ASP A 37 2.17 10.50 -7.55
CA ASP A 37 1.63 9.17 -7.80
C ASP A 37 2.23 8.15 -6.82
N PHE A 38 1.36 7.31 -6.26
CA PHE A 38 1.80 6.28 -5.30
C PHE A 38 0.99 5.00 -5.50
N SER A 39 1.63 3.85 -5.28
CA SER A 39 0.97 2.57 -5.43
C SER A 39 1.19 1.70 -4.20
N VAL A 40 0.17 0.93 -3.81
CA VAL A 40 0.30 0.07 -2.64
C VAL A 40 -0.12 -1.37 -2.93
N SER A 41 0.64 -2.33 -2.43
CA SER A 41 0.34 -3.74 -2.61
C SER A 41 0.24 -4.46 -1.26
N LEU A 42 -0.85 -5.22 -1.05
CA LEU A 42 -1.04 -5.96 0.19
C LEU A 42 -1.47 -7.41 -0.07
N LYS A 43 -1.24 -8.26 0.93
CA LYS A 43 -1.58 -9.66 0.84
C LYS A 43 -2.86 -9.97 1.62
N ALA A 44 -3.26 -11.24 1.61
CA ALA A 44 -4.45 -11.69 2.31
C ALA A 44 -4.61 -13.20 2.21
N SER A 45 -5.70 -13.72 2.76
CA SER A 45 -5.95 -15.16 2.70
C SER A 45 -6.12 -15.62 1.27
N GLY A 46 -4.99 -15.83 0.59
CA GLY A 46 -5.04 -16.25 -0.81
C GLY A 46 -5.49 -15.14 -1.75
N LYS A 47 -5.81 -13.98 -1.18
CA LYS A 47 -6.26 -12.84 -1.94
C LYS A 47 -5.18 -11.76 -1.95
N ASN A 48 -5.32 -10.80 -2.87
CA ASN A 48 -4.35 -9.71 -2.98
C ASN A 48 -5.06 -8.38 -3.23
N LYS A 49 -5.13 -7.53 -2.22
CA LYS A 49 -5.79 -6.25 -2.35
C LYS A 49 -4.82 -5.19 -2.88
N HIS A 50 -4.98 -4.83 -4.15
CA HIS A 50 -4.13 -3.82 -4.77
C HIS A 50 -4.91 -2.53 -4.98
N PHE A 51 -4.24 -1.40 -4.77
CA PHE A 51 -4.87 -0.10 -4.93
C PHE A 51 -3.89 0.95 -5.41
N LYS A 52 -4.29 1.73 -6.40
CA LYS A 52 -3.45 2.79 -6.94
C LYS A 52 -3.76 4.10 -6.22
N VAL A 53 -2.73 4.74 -5.67
CA VAL A 53 -2.92 6.00 -4.96
C VAL A 53 -2.48 7.18 -5.82
N GLN A 54 -3.46 7.95 -6.30
CA GLN A 54 -3.19 9.12 -7.13
C GLN A 54 -3.83 10.37 -6.56
N LEU A 55 -3.12 11.48 -6.64
CA LEU A 55 -3.63 12.75 -6.13
C LEU A 55 -4.51 13.44 -7.18
N VAL A 56 -5.79 13.56 -6.85
CA VAL A 56 -6.77 14.18 -7.74
C VAL A 56 -7.25 15.53 -7.21
N ASP A 57 -7.42 16.49 -8.12
CA ASP A 57 -7.90 17.85 -7.79
C ASP A 57 -7.57 18.28 -6.36
N ASN A 58 -6.30 18.16 -5.99
CA ASN A 58 -5.84 18.57 -4.66
C ASN A 58 -6.29 17.62 -3.56
N VAL A 59 -6.50 16.36 -3.91
CA VAL A 59 -6.91 15.34 -2.93
C VAL A 59 -6.33 13.99 -3.32
N TYR A 60 -5.66 13.36 -2.37
CA TYR A 60 -5.05 12.06 -2.61
C TYR A 60 -6.10 10.95 -2.61
N CYS A 61 -6.10 10.14 -3.66
CA CYS A 61 -7.07 9.06 -3.80
C CYS A 61 -6.42 7.68 -3.72
N ILE A 62 -7.19 6.71 -3.27
CA ILE A 62 -6.72 5.32 -3.16
C ILE A 62 -7.83 4.35 -3.54
N GLY A 63 -7.63 3.62 -4.64
CA GLY A 63 -8.63 2.67 -5.08
C GLY A 63 -9.81 3.34 -5.76
N GLN A 64 -10.74 3.84 -4.97
CA GLN A 64 -11.92 4.51 -5.50
C GLN A 64 -12.45 5.56 -4.53
N ARG A 65 -11.56 6.11 -3.72
CA ARG A 65 -11.93 7.14 -2.74
C ARG A 65 -10.85 8.21 -2.63
N ARG A 66 -11.24 9.42 -2.26
CA ARG A 66 -10.30 10.51 -2.12
C ARG A 66 -10.22 11.00 -0.68
N PHE A 67 -8.99 11.22 -0.23
CA PHE A 67 -8.74 11.65 1.14
C PHE A 67 -7.68 12.74 1.21
N HIS A 68 -7.66 13.46 2.33
CA HIS A 68 -6.69 14.54 2.53
C HIS A 68 -5.39 14.01 3.12
N THR A 69 -5.14 12.72 2.93
CA THR A 69 -3.95 12.07 3.45
C THR A 69 -3.35 11.17 2.38
N MET A 70 -2.07 10.80 2.53
CA MET A 70 -1.39 9.94 1.57
C MET A 70 0.11 9.97 1.81
N ASP A 71 0.70 8.78 1.83
CA ASP A 71 2.14 8.60 2.07
C ASP A 71 2.43 8.56 3.56
N GLU A 72 1.56 9.19 4.33
CA GLU A 72 1.68 9.21 5.78
C GLU A 72 0.61 8.30 6.37
N LEU A 73 -0.41 8.02 5.55
CA LEU A 73 -1.52 7.15 5.93
C LEU A 73 -1.15 5.69 5.79
N VAL A 74 0.05 5.43 5.32
CA VAL A 74 0.50 4.07 5.16
C VAL A 74 1.23 3.64 6.42
N GLU A 75 1.53 4.62 7.25
CA GLU A 75 2.21 4.37 8.52
C GLU A 75 1.20 4.36 9.66
N HIS A 76 0.10 5.08 9.45
CA HIS A 76 -0.97 5.16 10.44
C HIS A 76 -2.29 4.65 9.86
N TYR A 77 -2.24 4.15 8.62
CA TYR A 77 -3.44 3.62 7.96
C TYR A 77 -4.64 4.55 8.16
N LYS A 78 -4.46 5.82 7.76
CA LYS A 78 -5.54 6.80 7.86
C LYS A 78 -6.69 6.38 6.96
N LYS A 79 -7.16 7.26 6.07
CA LYS A 79 -8.24 6.88 5.16
C LYS A 79 -7.65 6.00 4.06
N ALA A 80 -7.16 4.85 4.48
CA ALA A 80 -6.55 3.87 3.58
C ALA A 80 -7.48 2.69 3.33
N PRO A 81 -7.32 2.02 2.18
CA PRO A 81 -8.16 0.85 1.82
C PRO A 81 -8.02 -0.30 2.81
N ILE A 82 -7.59 0.01 4.03
CA ILE A 82 -7.43 -1.01 5.05
C ILE A 82 -8.77 -1.68 5.33
N PHE A 83 -8.73 -2.98 5.47
CA PHE A 83 -9.96 -3.75 5.72
C PHE A 83 -9.71 -4.91 6.69
N THR A 84 -10.62 -5.10 7.63
CA THR A 84 -10.46 -6.18 8.61
C THR A 84 -11.50 -7.28 8.50
N SER A 85 -11.09 -8.48 8.86
CA SER A 85 -11.95 -9.64 8.87
C SER A 85 -12.09 -10.16 10.30
N GLU A 86 -13.31 -10.59 10.66
CA GLU A 86 -13.59 -11.10 12.01
C GLU A 86 -12.35 -11.71 12.63
N HIS A 87 -11.80 -12.73 11.97
CA HIS A 87 -10.59 -13.40 12.46
C HIS A 87 -9.51 -13.36 11.39
N GLY A 88 -9.64 -12.43 10.43
CA GLY A 88 -8.67 -12.30 9.37
C GLY A 88 -7.69 -11.18 9.61
N GLU A 89 -7.99 -10.34 10.59
CA GLU A 89 -7.13 -9.21 10.95
C GLU A 89 -7.32 -8.05 10.01
N LYS A 90 -6.64 -6.96 10.34
CA LYS A 90 -6.73 -5.72 9.57
C LYS A 90 -5.74 -5.67 8.41
N LEU A 91 -6.24 -5.35 7.22
CA LEU A 91 -5.37 -5.20 6.06
C LEU A 91 -4.72 -3.85 6.22
N TYR A 92 -3.59 -3.84 6.91
CA TYR A 92 -2.87 -2.60 7.19
C TYR A 92 -1.64 -2.47 6.34
N LEU A 93 -1.24 -1.23 6.10
CA LEU A 93 -0.08 -0.96 5.30
C LEU A 93 1.19 -0.97 6.14
N VAL A 94 1.49 -2.12 6.72
CA VAL A 94 2.67 -2.29 7.56
C VAL A 94 3.94 -1.87 6.81
N ARG A 95 4.64 -2.85 6.23
CA ARG A 95 5.86 -2.56 5.48
C ARG A 95 6.28 -3.71 4.62
N ALA A 96 7.32 -3.47 3.84
CA ALA A 96 7.89 -4.45 2.95
C ALA A 96 8.72 -5.49 3.72
N LEU A 97 8.45 -6.76 3.45
CA LEU A 97 9.17 -7.85 4.11
C LEU A 97 8.87 -7.87 5.61
N GLN A 98 9.46 -6.92 6.34
CA GLN A 98 9.27 -6.84 7.78
C GLN A 98 8.80 -5.44 8.18
N ARG A 1 15.99 -0.69 7.44
CA ARG A 1 16.18 -2.00 6.76
C ARG A 1 14.85 -2.56 6.29
N GLU A 2 13.77 -2.23 7.00
CA GLU A 2 12.44 -2.70 6.64
C GLU A 2 11.67 -1.65 5.83
N TRP A 3 12.42 -0.80 5.14
CA TRP A 3 11.82 0.24 4.31
C TRP A 3 12.88 0.91 3.43
N TYR A 4 12.87 0.59 2.16
CA TYR A 4 13.83 1.15 1.21
C TYR A 4 13.44 2.58 0.83
N TYR A 5 13.51 3.48 1.81
CA TYR A 5 13.18 4.88 1.58
C TYR A 5 11.78 5.01 0.98
N GLY A 6 11.53 6.11 0.26
CA GLY A 6 10.22 6.31 -0.35
C GLY A 6 10.01 5.46 -1.59
N ASN A 7 11.00 4.64 -1.92
CA ASN A 7 10.90 3.76 -3.09
C ASN A 7 10.66 2.32 -2.66
N VAL A 8 9.48 1.80 -2.99
CA VAL A 8 9.11 0.44 -2.63
C VAL A 8 8.17 -0.16 -3.69
N THR A 9 7.63 -1.34 -3.40
CA THR A 9 6.72 -2.03 -4.31
C THR A 9 7.22 -2.01 -5.75
N ARG A 10 6.43 -2.56 -6.66
CA ARG A 10 6.81 -2.63 -8.08
C ARG A 10 7.88 -3.70 -8.24
N HIS A 11 8.98 -3.51 -7.54
CA HIS A 11 10.08 -4.46 -7.53
C HIS A 11 10.03 -5.26 -6.25
N GLN A 12 9.67 -4.57 -5.17
CA GLN A 12 9.54 -5.18 -3.85
C GLN A 12 8.24 -5.96 -3.75
N ALA A 13 7.17 -5.44 -4.38
CA ALA A 13 5.88 -6.12 -4.34
C ALA A 13 5.97 -7.53 -4.89
N GLU A 14 6.99 -7.78 -5.70
CA GLU A 14 7.18 -9.12 -6.26
C GLU A 14 8.13 -9.88 -5.37
N CYS A 15 9.26 -9.27 -5.08
CA CYS A 15 10.25 -9.89 -4.22
C CYS A 15 9.69 -10.09 -2.80
N ALA A 16 8.55 -9.45 -2.53
CA ALA A 16 7.91 -9.54 -1.22
C ALA A 16 6.66 -10.42 -1.27
N LEU A 17 5.95 -10.38 -2.39
CA LEU A 17 4.73 -11.18 -2.55
C LEU A 17 4.89 -12.23 -3.63
N ASN A 18 6.12 -12.39 -4.09
CA ASN A 18 6.44 -13.36 -5.14
C ASN A 18 5.69 -14.67 -4.91
N GLU A 19 5.44 -14.98 -3.64
CA GLU A 19 4.74 -16.21 -3.28
C GLU A 19 3.23 -16.11 -3.54
N ARG A 20 2.71 -14.88 -3.51
CA ARG A 20 1.28 -14.66 -3.74
C ARG A 20 0.47 -15.03 -2.50
N GLY A 21 0.14 -14.01 -1.71
CA GLY A 21 -0.64 -14.23 -0.49
C GLY A 21 0.22 -14.54 0.73
N VAL A 22 0.72 -13.48 1.39
CA VAL A 22 1.53 -13.63 2.60
C VAL A 22 1.05 -12.71 3.70
N GLU A 23 0.69 -13.28 4.85
CA GLU A 23 0.21 -12.51 6.01
C GLU A 23 -0.41 -11.18 5.60
N GLY A 24 0.39 -10.10 5.61
CA GLY A 24 -0.13 -8.81 5.23
C GLY A 24 0.97 -7.86 4.79
N ASP A 25 1.47 -8.03 3.57
CA ASP A 25 2.52 -7.16 3.06
C ASP A 25 1.94 -6.03 2.21
N PHE A 26 2.22 -4.80 2.60
CA PHE A 26 1.75 -3.62 1.89
C PHE A 26 2.91 -2.66 1.66
N LEU A 27 3.02 -2.17 0.45
CA LEU A 27 4.10 -1.24 0.12
C LEU A 27 3.65 -0.19 -0.88
N ILE A 28 4.14 1.04 -0.68
CA ILE A 28 3.80 2.18 -1.54
C ILE A 28 5.03 2.74 -2.23
N ARG A 29 4.86 3.16 -3.49
CA ARG A 29 5.97 3.69 -4.27
C ARG A 29 5.63 5.04 -4.89
N ASP A 30 6.68 5.81 -5.19
CA ASP A 30 6.50 7.13 -5.81
C ASP A 30 6.76 7.04 -7.31
N SER A 31 5.86 7.60 -8.10
CA SER A 31 5.99 7.58 -9.55
C SER A 31 6.71 8.83 -10.05
N GLU A 32 8.02 8.71 -10.23
CA GLU A 32 8.84 9.84 -10.70
C GLU A 32 8.18 10.55 -11.87
N SER A 33 7.40 9.81 -12.67
CA SER A 33 6.72 10.39 -13.82
C SER A 33 5.93 11.63 -13.43
N SER A 34 5.51 11.68 -12.17
CA SER A 34 4.76 12.82 -11.65
C SER A 34 4.96 12.96 -10.15
N PRO A 35 5.03 14.20 -9.64
CA PRO A 35 5.22 14.46 -8.22
C PRO A 35 3.97 14.17 -7.38
N SER A 36 2.87 13.80 -8.05
CA SER A 36 1.62 13.50 -7.36
C SER A 36 1.08 12.13 -7.77
N ASP A 37 1.96 11.13 -7.79
CA ASP A 37 1.56 9.77 -8.17
C ASP A 37 2.29 8.74 -7.33
N PHE A 38 1.53 7.85 -6.70
CA PHE A 38 2.09 6.79 -5.87
C PHE A 38 1.27 5.50 -6.02
N SER A 39 1.93 4.36 -5.85
CA SER A 39 1.25 3.07 -5.97
C SER A 39 1.53 2.17 -4.77
N VAL A 40 0.52 1.42 -4.32
CA VAL A 40 0.71 0.50 -3.21
C VAL A 40 -0.15 -0.75 -3.36
N SER A 41 0.47 -1.91 -3.10
CA SER A 41 -0.21 -3.21 -3.22
C SER A 41 -0.18 -4.00 -1.90
N LEU A 42 -1.31 -4.64 -1.56
CA LEU A 42 -1.42 -5.43 -0.33
C LEU A 42 -1.82 -6.87 -0.60
N LYS A 43 -1.53 -7.72 0.38
CA LYS A 43 -1.85 -9.13 0.33
C LYS A 43 -2.92 -9.47 1.37
N ALA A 44 -3.20 -10.77 1.52
CA ALA A 44 -4.19 -11.22 2.48
C ALA A 44 -4.32 -12.74 2.44
N SER A 45 -5.28 -13.27 3.19
CA SER A 45 -5.50 -14.71 3.23
C SER A 45 -5.94 -15.21 1.86
N GLY A 46 -4.96 -15.41 0.98
CA GLY A 46 -5.25 -15.87 -0.36
C GLY A 46 -5.73 -14.75 -1.28
N LYS A 47 -5.90 -13.56 -0.71
CA LYS A 47 -6.35 -12.40 -1.45
C LYS A 47 -5.22 -11.39 -1.61
N ASN A 48 -5.39 -10.45 -2.53
CA ASN A 48 -4.38 -9.43 -2.77
C ASN A 48 -5.01 -8.13 -3.26
N LYS A 49 -5.01 -7.11 -2.40
CA LYS A 49 -5.60 -5.83 -2.74
C LYS A 49 -4.59 -4.93 -3.46
N HIS A 50 -4.71 -4.85 -4.78
CA HIS A 50 -3.81 -4.02 -5.58
C HIS A 50 -4.50 -2.72 -5.97
N PHE A 51 -3.89 -1.60 -5.60
CA PHE A 51 -4.46 -0.29 -5.91
C PHE A 51 -3.37 0.76 -6.13
N LYS A 52 -3.73 1.82 -6.86
CA LYS A 52 -2.79 2.90 -7.15
C LYS A 52 -3.22 4.18 -6.44
N VAL A 53 -2.24 4.87 -5.89
CA VAL A 53 -2.49 6.12 -5.19
C VAL A 53 -2.30 7.32 -6.12
N GLN A 54 -3.39 7.97 -6.48
CA GLN A 54 -3.35 9.13 -7.37
C GLN A 54 -3.99 10.34 -6.71
N LEU A 55 -3.45 11.52 -7.00
CA LEU A 55 -3.97 12.75 -6.42
C LEU A 55 -5.13 13.31 -7.25
N VAL A 56 -6.32 13.34 -6.65
CA VAL A 56 -7.51 13.85 -7.32
C VAL A 56 -7.96 15.17 -6.71
N ASP A 57 -8.35 16.11 -7.57
CA ASP A 57 -8.83 17.43 -7.14
C ASP A 57 -8.08 17.95 -5.91
N ASN A 58 -6.75 18.08 -6.03
CA ASN A 58 -5.92 18.56 -4.93
C ASN A 58 -6.04 17.64 -3.72
N VAL A 59 -6.40 16.39 -3.97
CA VAL A 59 -6.55 15.39 -2.92
C VAL A 59 -5.80 14.12 -3.27
N TYR A 60 -5.52 13.29 -2.28
CA TYR A 60 -4.81 12.04 -2.50
C TYR A 60 -5.78 10.86 -2.45
N CYS A 61 -5.80 10.04 -3.49
CA CYS A 61 -6.70 8.89 -3.54
C CYS A 61 -5.93 7.58 -3.65
N ILE A 62 -6.53 6.51 -3.16
CA ILE A 62 -5.93 5.18 -3.21
C ILE A 62 -6.97 4.13 -3.58
N GLY A 63 -6.74 3.44 -4.70
CA GLY A 63 -7.68 2.43 -5.14
C GLY A 63 -9.04 3.01 -5.48
N GLN A 64 -9.85 3.28 -4.46
CA GLN A 64 -11.17 3.84 -4.66
C GLN A 64 -11.59 4.68 -3.45
N ARG A 65 -10.64 5.33 -2.82
CA ARG A 65 -10.91 6.16 -1.65
C ARG A 65 -10.12 7.47 -1.72
N ARG A 66 -10.50 8.43 -0.87
CA ARG A 66 -9.83 9.73 -0.84
C ARG A 66 -9.16 9.96 0.51
N PHE A 67 -8.05 10.69 0.48
CA PHE A 67 -7.28 10.97 1.69
C PHE A 67 -6.83 12.42 1.75
N HIS A 68 -6.52 12.88 2.96
CA HIS A 68 -6.02 14.23 3.16
C HIS A 68 -4.50 14.18 3.35
N THR A 69 -3.92 13.05 2.91
CA THR A 69 -2.49 12.81 3.04
C THR A 69 -2.02 11.88 1.92
N MET A 70 -0.73 11.61 1.86
CA MET A 70 -0.17 10.74 0.83
C MET A 70 1.25 10.33 1.19
N ASP A 71 1.44 9.03 1.35
CA ASP A 71 2.75 8.46 1.71
C ASP A 71 2.93 8.48 3.22
N GLU A 72 2.01 9.15 3.91
CA GLU A 72 2.05 9.22 5.37
C GLU A 72 0.90 8.39 5.94
N LEU A 73 -0.08 8.11 5.09
CA LEU A 73 -1.23 7.31 5.50
C LEU A 73 -0.90 5.84 5.59
N VAL A 74 0.29 5.46 5.20
CA VAL A 74 0.68 4.07 5.26
C VAL A 74 1.17 3.70 6.65
N GLU A 75 1.38 4.72 7.48
CA GLU A 75 1.84 4.49 8.84
C GLU A 75 0.67 4.59 9.82
N HIS A 76 -0.42 5.21 9.37
CA HIS A 76 -1.60 5.36 10.20
C HIS A 76 -2.88 4.97 9.46
N TYR A 77 -2.76 4.65 8.17
CA TYR A 77 -3.91 4.26 7.35
C TYR A 77 -5.16 5.08 7.70
N LYS A 78 -5.10 6.37 7.38
CA LYS A 78 -6.21 7.27 7.65
C LYS A 78 -7.50 6.72 7.06
N LYS A 79 -7.69 6.91 5.75
CA LYS A 79 -8.86 6.38 5.06
C LYS A 79 -8.40 5.55 3.88
N ALA A 80 -7.71 4.45 4.19
CA ALA A 80 -7.16 3.55 3.19
C ALA A 80 -8.02 2.31 2.99
N PRO A 81 -7.97 1.71 1.81
CA PRO A 81 -8.72 0.50 1.48
C PRO A 81 -8.46 -0.65 2.46
N ILE A 82 -7.71 -0.36 3.52
CA ILE A 82 -7.41 -1.36 4.52
C ILE A 82 -8.72 -1.84 5.13
N PHE A 83 -8.75 -3.12 5.49
CA PHE A 83 -9.95 -3.71 6.08
C PHE A 83 -9.60 -4.63 7.24
N THR A 84 -10.55 -4.83 8.15
CA THR A 84 -10.32 -5.70 9.30
C THR A 84 -11.40 -6.78 9.42
N SER A 85 -11.02 -8.03 9.20
CA SER A 85 -11.96 -9.13 9.30
C SER A 85 -11.52 -10.12 10.37
N GLU A 86 -12.45 -10.99 10.78
CA GLU A 86 -12.17 -12.01 11.79
C GLU A 86 -11.42 -11.40 12.99
N HIS A 87 -10.66 -12.24 13.69
CA HIS A 87 -9.91 -11.78 14.86
C HIS A 87 -8.88 -10.71 14.51
N GLY A 88 -7.96 -11.04 13.60
CA GLY A 88 -6.95 -10.07 13.22
C GLY A 88 -6.48 -10.20 11.78
N GLU A 89 -7.40 -10.55 10.88
CA GLU A 89 -7.07 -10.69 9.46
C GLU A 89 -7.41 -9.38 8.73
N LYS A 90 -6.71 -8.34 9.09
CA LYS A 90 -6.93 -7.02 8.51
C LYS A 90 -5.88 -6.66 7.45
N LEU A 91 -6.35 -6.04 6.37
CA LEU A 91 -5.48 -5.58 5.29
C LEU A 91 -4.86 -4.28 5.72
N TYR A 92 -3.72 -4.33 6.38
CA TYR A 92 -3.07 -3.12 6.87
C TYR A 92 -1.95 -2.64 5.96
N LEU A 93 -1.81 -1.32 5.86
CA LEU A 93 -0.76 -0.72 5.06
C LEU A 93 0.54 -0.80 5.83
N VAL A 94 0.98 -2.03 6.08
CA VAL A 94 2.20 -2.32 6.82
C VAL A 94 3.42 -1.72 6.09
N ARG A 95 4.37 -2.57 5.69
CA ARG A 95 5.56 -2.10 4.99
C ARG A 95 6.23 -3.21 4.22
N ALA A 96 7.26 -2.81 3.49
CA ALA A 96 8.04 -3.72 2.66
C ALA A 96 8.97 -4.58 3.51
N LEU A 97 8.93 -5.89 3.28
CA LEU A 97 9.78 -6.82 4.01
C LEU A 97 9.42 -6.84 5.50
N GLN A 98 9.15 -8.03 6.02
CA GLN A 98 8.78 -8.19 7.42
C GLN A 98 8.83 -9.64 7.84
N ARG A 1 15.29 1.79 6.46
CA ARG A 1 16.08 2.11 5.25
C ARG A 1 16.89 0.91 4.79
N GLU A 2 16.44 -0.29 5.17
CA GLU A 2 17.12 -1.52 4.79
C GLU A 2 16.37 -2.25 3.69
N TRP A 3 15.04 -2.18 3.75
CA TRP A 3 14.20 -2.85 2.76
C TRP A 3 13.81 -1.88 1.65
N TYR A 4 12.95 -0.91 1.97
CA TYR A 4 12.50 0.06 0.98
C TYR A 4 12.72 1.49 1.46
N TYR A 5 13.00 2.38 0.52
CA TYR A 5 13.23 3.79 0.82
C TYR A 5 11.91 4.57 0.77
N GLY A 6 11.55 5.03 -0.43
CA GLY A 6 10.31 5.77 -0.61
C GLY A 6 9.54 5.28 -1.81
N ASN A 7 10.26 4.62 -2.71
CA ASN A 7 9.68 4.06 -3.92
C ASN A 7 10.47 2.83 -4.34
N VAL A 8 9.90 1.65 -4.14
CA VAL A 8 10.59 0.42 -4.47
C VAL A 8 9.65 -0.68 -4.96
N THR A 9 8.42 -0.66 -4.47
CA THR A 9 7.41 -1.67 -4.86
C THR A 9 7.45 -1.92 -6.37
N ARG A 10 6.74 -2.93 -6.84
CA ARG A 10 6.74 -3.31 -8.25
C ARG A 10 7.91 -4.24 -8.50
N HIS A 11 9.08 -3.80 -8.07
CA HIS A 11 10.30 -4.58 -8.15
C HIS A 11 10.58 -5.13 -6.75
N GLN A 12 10.36 -4.26 -5.77
CA GLN A 12 10.54 -4.64 -4.38
C GLN A 12 9.34 -5.46 -3.92
N ALA A 13 8.15 -5.09 -4.43
CA ALA A 13 6.93 -5.81 -4.07
C ALA A 13 7.13 -7.30 -4.26
N GLU A 14 7.94 -7.68 -5.23
CA GLU A 14 8.24 -9.10 -5.44
C GLU A 14 9.34 -9.48 -4.48
N CYS A 15 10.29 -8.57 -4.31
CA CYS A 15 11.38 -8.80 -3.36
C CYS A 15 10.84 -8.86 -1.93
N ALA A 16 9.54 -8.52 -1.75
CA ALA A 16 8.92 -8.54 -0.44
C ALA A 16 7.75 -9.50 -0.36
N LEU A 17 7.02 -9.65 -1.45
CA LEU A 17 5.88 -10.56 -1.50
C LEU A 17 6.17 -11.72 -2.44
N ASN A 18 7.29 -11.63 -3.15
CA ASN A 18 7.71 -12.66 -4.10
C ASN A 18 6.76 -12.78 -5.28
N GLU A 19 5.61 -12.11 -5.19
CA GLU A 19 4.62 -12.15 -6.25
C GLU A 19 3.34 -11.44 -5.82
N ARG A 20 2.68 -11.98 -4.80
CA ARG A 20 1.44 -11.42 -4.27
C ARG A 20 0.64 -12.50 -3.53
N GLY A 21 0.79 -12.53 -2.21
CA GLY A 21 0.08 -13.52 -1.43
C GLY A 21 0.94 -14.10 -0.32
N VAL A 22 1.58 -13.23 0.45
CA VAL A 22 2.43 -13.69 1.56
C VAL A 22 1.92 -13.17 2.90
N GLU A 23 1.60 -14.09 3.80
CA GLU A 23 1.11 -13.75 5.14
C GLU A 23 0.20 -12.52 5.13
N GLY A 24 0.81 -11.34 5.27
CA GLY A 24 0.06 -10.10 5.27
C GLY A 24 0.99 -8.91 5.10
N ASP A 25 1.72 -8.91 3.99
CA ASP A 25 2.68 -7.87 3.71
C ASP A 25 2.12 -6.79 2.79
N PHE A 26 2.38 -5.53 3.14
CA PHE A 26 1.95 -4.38 2.35
C PHE A 26 3.11 -3.43 2.16
N LEU A 27 3.29 -3.00 0.93
CA LEU A 27 4.36 -2.07 0.62
C LEU A 27 3.94 -1.07 -0.45
N ILE A 28 4.09 0.21 -0.14
CA ILE A 28 3.71 1.28 -1.05
C ILE A 28 4.94 2.03 -1.56
N ARG A 29 4.90 2.41 -2.84
CA ARG A 29 6.02 3.11 -3.46
C ARG A 29 5.56 4.40 -4.13
N ASP A 30 6.51 5.33 -4.31
CA ASP A 30 6.20 6.60 -4.96
C ASP A 30 6.11 6.43 -6.46
N SER A 31 5.50 7.40 -7.14
CA SER A 31 5.35 7.36 -8.59
C SER A 31 5.94 8.61 -9.24
N GLU A 32 7.14 8.47 -9.80
CA GLU A 32 7.82 9.58 -10.46
C GLU A 32 6.88 10.33 -11.39
N SER A 33 5.89 9.64 -11.95
CA SER A 33 4.94 10.25 -12.86
C SER A 33 4.32 11.51 -12.26
N SER A 34 3.99 11.45 -10.98
CA SER A 34 3.39 12.58 -10.28
C SER A 34 4.08 12.84 -8.95
N PRO A 35 3.90 14.03 -8.38
CA PRO A 35 4.51 14.41 -7.10
C PRO A 35 3.80 13.78 -5.90
N SER A 36 2.55 13.37 -6.11
CA SER A 36 1.77 12.76 -5.03
C SER A 36 1.11 11.47 -5.50
N ASP A 37 1.84 10.67 -6.28
CA ASP A 37 1.32 9.41 -6.77
C ASP A 37 2.05 8.23 -6.12
N PHE A 38 1.29 7.31 -5.54
CA PHE A 38 1.87 6.15 -4.87
C PHE A 38 1.15 4.85 -5.26
N SER A 39 1.88 3.75 -5.18
CA SER A 39 1.35 2.44 -5.50
C SER A 39 1.66 1.46 -4.37
N VAL A 40 0.70 0.61 -4.01
CA VAL A 40 0.93 -0.34 -2.94
C VAL A 40 0.22 -1.67 -3.18
N SER A 41 0.90 -2.77 -2.81
CA SER A 41 0.36 -4.12 -3.00
C SER A 41 0.27 -4.89 -1.68
N LEU A 42 -0.84 -5.60 -1.49
CA LEU A 42 -1.07 -6.39 -0.28
C LEU A 42 -1.57 -7.80 -0.58
N LYS A 43 -1.38 -8.69 0.38
CA LYS A 43 -1.83 -10.07 0.25
C LYS A 43 -3.20 -10.24 0.90
N ALA A 44 -3.97 -11.21 0.44
CA ALA A 44 -5.30 -11.47 0.99
C ALA A 44 -5.48 -12.97 1.23
N SER A 45 -6.68 -13.37 1.64
CA SER A 45 -6.96 -14.78 1.88
C SER A 45 -6.83 -15.57 0.58
N GLY A 46 -5.59 -15.90 0.22
CA GLY A 46 -5.34 -16.63 -1.01
C GLY A 46 -5.31 -15.74 -2.24
N LYS A 47 -5.93 -14.59 -2.12
CA LYS A 47 -6.00 -13.62 -3.20
C LYS A 47 -5.14 -12.40 -2.87
N ASN A 48 -4.85 -11.59 -3.88
CA ASN A 48 -4.03 -10.38 -3.67
C ASN A 48 -4.91 -9.13 -3.75
N LYS A 49 -4.77 -8.26 -2.75
CA LYS A 49 -5.55 -7.02 -2.72
C LYS A 49 -4.85 -5.91 -3.48
N HIS A 50 -5.52 -5.38 -4.50
CA HIS A 50 -4.97 -4.30 -5.30
C HIS A 50 -5.13 -2.97 -4.57
N PHE A 51 -4.11 -2.12 -4.66
CA PHE A 51 -4.15 -0.83 -4.00
C PHE A 51 -3.36 0.21 -4.79
N LYS A 52 -4.08 1.17 -5.38
CA LYS A 52 -3.45 2.23 -6.16
C LYS A 52 -3.74 3.61 -5.57
N VAL A 53 -2.70 4.43 -5.45
CA VAL A 53 -2.83 5.77 -4.91
C VAL A 53 -2.41 6.83 -5.92
N GLN A 54 -3.38 7.60 -6.41
CA GLN A 54 -3.11 8.65 -7.40
C GLN A 54 -3.58 10.00 -6.91
N LEU A 55 -2.78 11.03 -7.19
CA LEU A 55 -3.11 12.39 -6.78
C LEU A 55 -4.05 13.04 -7.80
N VAL A 56 -5.29 13.27 -7.39
CA VAL A 56 -6.29 13.88 -8.27
C VAL A 56 -6.65 15.29 -7.80
N ASP A 57 -6.74 16.22 -8.76
CA ASP A 57 -7.11 17.60 -8.48
C ASP A 57 -6.61 18.07 -7.11
N ASN A 58 -5.31 18.01 -6.90
CA ASN A 58 -4.72 18.43 -5.63
C ASN A 58 -5.28 17.61 -4.47
N VAL A 59 -5.62 16.36 -4.76
CA VAL A 59 -6.16 15.45 -3.76
C VAL A 59 -5.47 14.09 -3.85
N TYR A 60 -5.48 13.36 -2.76
CA TYR A 60 -4.85 12.04 -2.74
C TYR A 60 -5.90 10.94 -2.86
N CYS A 61 -5.78 10.14 -3.92
CA CYS A 61 -6.72 9.06 -4.17
C CYS A 61 -6.24 7.75 -3.55
N ILE A 62 -7.13 7.08 -2.82
CA ILE A 62 -6.81 5.81 -2.18
C ILE A 62 -7.99 4.85 -2.30
N GLY A 63 -7.81 3.80 -3.09
CA GLY A 63 -8.87 2.81 -3.27
C GLY A 63 -10.11 3.40 -3.90
N GLN A 64 -9.98 3.91 -5.13
CA GLN A 64 -11.11 4.49 -5.85
C GLN A 64 -11.84 5.52 -4.99
N ARG A 65 -11.09 6.22 -4.16
CA ARG A 65 -11.66 7.24 -3.28
C ARG A 65 -10.68 8.41 -3.14
N ARG A 66 -11.16 9.53 -2.60
CA ARG A 66 -10.32 10.70 -2.42
C ARG A 66 -10.15 11.03 -0.95
N PHE A 67 -8.91 11.14 -0.53
CA PHE A 67 -8.57 11.43 0.86
C PHE A 67 -7.46 12.47 0.98
N HIS A 68 -7.37 13.11 2.14
CA HIS A 68 -6.34 14.11 2.38
C HIS A 68 -5.10 13.48 2.98
N THR A 69 -4.67 12.35 2.41
CA THR A 69 -3.50 11.64 2.89
C THR A 69 -2.77 10.97 1.72
N MET A 70 -1.48 10.72 1.89
CA MET A 70 -0.68 10.08 0.85
C MET A 70 0.70 9.71 1.38
N ASP A 71 0.96 8.40 1.45
CA ASP A 71 2.24 7.90 1.94
C ASP A 71 2.30 7.96 3.46
N GLU A 72 1.46 8.80 4.05
CA GLU A 72 1.41 8.94 5.50
C GLU A 72 0.30 8.04 6.05
N LEU A 73 -0.61 7.64 5.17
CA LEU A 73 -1.71 6.77 5.54
C LEU A 73 -1.25 5.33 5.63
N VAL A 74 -0.04 5.06 5.18
CA VAL A 74 0.48 3.73 5.25
C VAL A 74 1.16 3.50 6.59
N GLU A 75 1.29 4.59 7.34
CA GLU A 75 1.91 4.55 8.66
C GLU A 75 0.86 4.32 9.73
N HIS A 76 -0.37 4.73 9.46
CA HIS A 76 -1.46 4.56 10.40
C HIS A 76 -2.82 4.53 9.71
N TYR A 77 -2.83 4.22 8.41
CA TYR A 77 -4.07 4.13 7.64
C TYR A 77 -5.04 5.26 8.00
N LYS A 78 -4.68 6.49 7.63
CA LYS A 78 -5.54 7.64 7.91
C LYS A 78 -6.91 7.39 7.28
N LYS A 79 -6.99 7.50 5.95
CA LYS A 79 -8.23 7.24 5.24
C LYS A 79 -7.98 6.21 4.14
N ALA A 80 -7.60 5.03 4.57
CA ALA A 80 -7.32 3.89 3.69
C ALA A 80 -8.45 2.88 3.71
N PRO A 81 -8.62 2.08 2.65
CA PRO A 81 -9.66 1.04 2.61
C PRO A 81 -9.35 -0.06 3.63
N ILE A 82 -8.39 0.23 4.50
CA ILE A 82 -7.97 -0.69 5.53
C ILE A 82 -9.15 -1.00 6.44
N PHE A 83 -9.39 -2.27 6.63
CA PHE A 83 -10.52 -2.74 7.42
C PHE A 83 -10.11 -3.82 8.43
N THR A 84 -10.88 -3.95 9.50
CA THR A 84 -10.60 -4.95 10.53
C THR A 84 -11.71 -6.00 10.59
N SER A 85 -11.33 -7.27 10.67
CA SER A 85 -12.29 -8.36 10.75
C SER A 85 -12.29 -8.97 12.15
N GLU A 86 -13.50 -9.18 12.68
CA GLU A 86 -13.68 -9.76 14.02
C GLU A 86 -12.67 -10.87 14.31
N HIS A 87 -12.24 -11.57 13.27
CA HIS A 87 -11.27 -12.66 13.45
C HIS A 87 -9.84 -12.12 13.49
N GLY A 88 -9.68 -10.92 14.02
CA GLY A 88 -8.36 -10.32 14.13
C GLY A 88 -7.65 -10.22 12.81
N GLU A 89 -8.40 -10.23 11.70
CA GLU A 89 -7.80 -10.11 10.38
C GLU A 89 -8.21 -8.78 9.77
N LYS A 90 -7.23 -7.91 9.58
CA LYS A 90 -7.50 -6.57 9.05
C LYS A 90 -6.64 -6.24 7.83
N LEU A 91 -7.25 -5.53 6.88
CA LEU A 91 -6.53 -5.06 5.71
C LEU A 91 -5.69 -3.89 6.16
N TYR A 92 -4.41 -4.15 6.43
CA TYR A 92 -3.52 -3.11 6.93
C TYR A 92 -2.24 -2.99 6.09
N LEU A 93 -1.73 -1.75 5.99
CA LEU A 93 -0.50 -1.50 5.24
C LEU A 93 0.71 -1.60 6.16
N VAL A 94 1.01 -2.83 6.59
CA VAL A 94 2.15 -3.07 7.47
C VAL A 94 3.46 -2.53 6.85
N ARG A 95 4.29 -3.42 6.34
CA ARG A 95 5.56 -3.01 5.74
C ARG A 95 6.27 -4.17 5.07
N ALA A 96 7.38 -3.83 4.44
CA ALA A 96 8.21 -4.79 3.73
C ALA A 96 9.04 -5.62 4.72
N LEU A 97 8.98 -6.94 4.57
CA LEU A 97 9.74 -7.84 5.42
C LEU A 97 9.29 -7.71 6.88
N GLN A 98 9.82 -8.59 7.74
CA GLN A 98 9.47 -8.58 9.16
C GLN A 98 9.86 -7.25 9.80
N ARG A 1 17.05 -3.69 8.67
CA ARG A 1 16.33 -2.65 7.88
C ARG A 1 15.64 -3.28 6.67
N GLU A 2 14.31 -3.34 6.71
CA GLU A 2 13.53 -3.91 5.62
C GLU A 2 12.69 -2.83 4.94
N TRP A 3 13.36 -1.90 4.28
CA TRP A 3 12.68 -0.81 3.58
C TRP A 3 13.68 0.14 2.95
N TYR A 4 13.79 0.08 1.63
CA TYR A 4 14.71 0.96 0.90
C TYR A 4 14.06 2.30 0.62
N TYR A 5 14.76 3.38 0.99
CA TYR A 5 14.24 4.73 0.79
C TYR A 5 13.10 5.02 1.75
N GLY A 6 12.04 4.22 1.66
CA GLY A 6 10.89 4.38 2.54
C GLY A 6 9.58 4.03 1.87
N ASN A 7 9.61 3.85 0.56
CA ASN A 7 8.40 3.51 -0.19
C ASN A 7 8.75 2.84 -1.53
N VAL A 8 8.50 1.52 -1.61
CA VAL A 8 8.79 0.77 -2.83
C VAL A 8 7.88 -0.44 -2.99
N THR A 9 7.82 -0.96 -4.23
CA THR A 9 7.01 -2.11 -4.59
C THR A 9 7.29 -2.44 -6.08
N ARG A 10 6.66 -3.49 -6.61
CA ARG A 10 6.89 -3.90 -8.01
C ARG A 10 8.12 -4.79 -8.08
N HIS A 11 9.21 -4.29 -7.55
CA HIS A 11 10.46 -5.02 -7.49
C HIS A 11 10.67 -5.48 -6.04
N GLN A 12 10.42 -4.53 -5.13
CA GLN A 12 10.54 -4.82 -3.71
C GLN A 12 9.31 -5.59 -3.25
N ALA A 13 8.15 -5.27 -3.83
CA ALA A 13 6.92 -5.96 -3.47
C ALA A 13 7.01 -7.43 -3.81
N GLU A 14 7.59 -7.77 -4.96
CA GLU A 14 7.74 -9.17 -5.34
C GLU A 14 8.70 -9.84 -4.39
N CYS A 15 9.81 -9.18 -4.11
CA CYS A 15 10.80 -9.71 -3.19
C CYS A 15 10.16 -10.01 -1.83
N ALA A 16 8.93 -9.52 -1.61
CA ALA A 16 8.23 -9.73 -0.35
C ALA A 16 6.97 -10.57 -0.51
N LEU A 17 6.29 -10.43 -1.64
CA LEU A 17 5.07 -11.19 -1.90
C LEU A 17 5.22 -12.08 -3.12
N ASN A 18 6.46 -12.24 -3.58
CA ASN A 18 6.75 -13.07 -4.75
C ASN A 18 5.92 -14.36 -4.68
N GLU A 19 5.68 -14.82 -3.45
CA GLU A 19 4.90 -16.03 -3.23
C GLU A 19 3.41 -15.73 -3.38
N ARG A 20 3.01 -14.56 -2.88
CA ARG A 20 1.61 -14.11 -2.97
C ARG A 20 0.80 -14.64 -1.79
N GLY A 21 0.60 -13.80 -0.79
CA GLY A 21 -0.16 -14.20 0.37
C GLY A 21 0.72 -14.61 1.53
N VAL A 22 1.58 -13.71 1.98
CA VAL A 22 2.46 -13.99 3.10
C VAL A 22 2.14 -13.08 4.28
N GLU A 23 1.80 -13.70 5.42
CA GLU A 23 1.45 -12.97 6.65
C GLU A 23 0.62 -11.72 6.34
N GLY A 24 1.29 -10.56 6.21
CA GLY A 24 0.60 -9.32 5.92
C GLY A 24 1.55 -8.24 5.50
N ASP A 25 2.08 -8.36 4.28
CA ASP A 25 3.04 -7.41 3.76
C ASP A 25 2.38 -6.36 2.86
N PHE A 26 2.65 -5.09 3.18
CA PHE A 26 2.11 -3.95 2.43
C PHE A 26 3.22 -2.95 2.14
N LEU A 27 3.22 -2.40 0.95
CA LEU A 27 4.24 -1.40 0.60
C LEU A 27 3.76 -0.41 -0.45
N ILE A 28 4.21 0.84 -0.31
CA ILE A 28 3.85 1.95 -1.21
C ILE A 28 5.09 2.54 -1.87
N ARG A 29 4.96 2.94 -3.13
CA ARG A 29 6.10 3.54 -3.85
C ARG A 29 5.69 4.78 -4.62
N ASP A 30 6.67 5.63 -4.89
CA ASP A 30 6.43 6.86 -5.63
C ASP A 30 6.33 6.57 -7.13
N SER A 31 5.50 7.34 -7.83
CA SER A 31 5.31 7.14 -9.26
C SER A 31 5.86 8.32 -10.05
N GLU A 32 6.32 8.05 -11.27
CA GLU A 32 6.88 9.09 -12.14
C GLU A 32 5.78 9.72 -12.98
N SER A 33 4.74 8.96 -13.29
CA SER A 33 3.63 9.45 -14.09
C SER A 33 3.07 10.75 -13.53
N SER A 34 3.17 10.92 -12.21
CA SER A 34 2.69 12.13 -11.55
C SER A 34 3.61 12.53 -10.40
N PRO A 35 3.63 13.82 -10.05
CA PRO A 35 4.48 14.32 -8.96
C PRO A 35 4.00 13.87 -7.59
N SER A 36 2.68 13.76 -7.44
CA SER A 36 2.08 13.33 -6.18
C SER A 36 1.33 12.01 -6.36
N ASP A 37 2.03 10.99 -6.83
CA ASP A 37 1.43 9.68 -7.05
C ASP A 37 2.06 8.63 -6.15
N PHE A 38 1.22 7.79 -5.55
CA PHE A 38 1.70 6.74 -4.67
C PHE A 38 0.87 5.47 -4.84
N SER A 39 1.54 4.32 -4.82
CA SER A 39 0.86 3.03 -4.99
C SER A 39 1.28 2.06 -3.90
N VAL A 40 0.34 1.24 -3.43
CA VAL A 40 0.67 0.25 -2.42
C VAL A 40 -0.16 -1.02 -2.59
N SER A 41 0.52 -2.17 -2.42
CA SER A 41 -0.12 -3.48 -2.59
C SER A 41 0.00 -4.34 -1.33
N LEU A 42 -1.10 -5.05 -1.01
CA LEU A 42 -1.16 -5.93 0.16
C LEU A 42 -1.68 -7.31 -0.21
N LYS A 43 -1.38 -8.29 0.64
CA LYS A 43 -1.83 -9.65 0.45
C LYS A 43 -3.21 -9.83 1.08
N ALA A 44 -4.01 -10.74 0.50
CA ALA A 44 -5.34 -11.01 1.02
C ALA A 44 -5.53 -12.50 1.23
N SER A 45 -6.74 -12.90 1.60
CA SER A 45 -7.04 -14.32 1.81
C SER A 45 -6.89 -15.09 0.51
N GLY A 46 -5.64 -15.41 0.16
CA GLY A 46 -5.37 -16.13 -1.07
C GLY A 46 -5.32 -15.22 -2.29
N LYS A 47 -5.92 -14.05 -2.16
CA LYS A 47 -5.95 -13.07 -3.24
C LYS A 47 -5.06 -11.88 -2.93
N ASN A 48 -4.75 -11.08 -3.95
CA ASN A 48 -3.92 -9.89 -3.77
C ASN A 48 -4.76 -8.63 -3.91
N LYS A 49 -4.71 -7.78 -2.89
CA LYS A 49 -5.48 -6.54 -2.89
C LYS A 49 -4.64 -5.39 -3.45
N HIS A 50 -4.98 -4.94 -4.66
CA HIS A 50 -4.28 -3.85 -5.31
C HIS A 50 -4.86 -2.51 -4.92
N PHE A 51 -4.00 -1.49 -4.80
CA PHE A 51 -4.46 -0.16 -4.43
C PHE A 51 -3.58 0.92 -5.06
N LYS A 52 -4.23 1.93 -5.63
CA LYS A 52 -3.51 3.04 -6.27
C LYS A 52 -3.88 4.36 -5.60
N VAL A 53 -2.87 5.10 -5.17
CA VAL A 53 -3.09 6.39 -4.52
C VAL A 53 -2.69 7.54 -5.43
N GLN A 54 -3.68 8.28 -5.92
CA GLN A 54 -3.43 9.42 -6.81
C GLN A 54 -4.04 10.70 -6.26
N LEU A 55 -3.36 11.82 -6.51
CA LEU A 55 -3.82 13.12 -6.05
C LEU A 55 -4.81 13.72 -7.06
N VAL A 56 -6.08 13.78 -6.67
CA VAL A 56 -7.12 14.31 -7.54
C VAL A 56 -7.66 15.64 -7.03
N ASP A 57 -7.84 16.60 -7.94
CA ASP A 57 -8.38 17.92 -7.60
C ASP A 57 -7.96 18.39 -6.21
N ASN A 58 -6.66 18.49 -5.99
CA ASN A 58 -6.13 18.93 -4.70
C ASN A 58 -6.59 17.98 -3.59
N VAL A 59 -6.79 16.72 -3.95
CA VAL A 59 -7.21 15.70 -3.00
C VAL A 59 -6.29 14.49 -3.08
N TYR A 60 -6.46 13.56 -2.15
CA TYR A 60 -5.63 12.36 -2.13
C TYR A 60 -6.50 11.11 -2.21
N CYS A 61 -6.56 10.52 -3.40
CA CYS A 61 -7.38 9.33 -3.63
C CYS A 61 -6.56 8.04 -3.50
N ILE A 62 -7.26 6.96 -3.11
CA ILE A 62 -6.63 5.64 -2.97
C ILE A 62 -7.57 4.58 -3.50
N GLY A 63 -7.02 3.62 -4.23
CA GLY A 63 -7.83 2.55 -4.80
C GLY A 63 -8.97 3.08 -5.64
N GLN A 64 -10.10 3.36 -4.99
CA GLN A 64 -11.27 3.89 -5.68
C GLN A 64 -12.06 4.81 -4.76
N ARG A 65 -11.34 5.62 -3.98
CA ARG A 65 -11.95 6.56 -3.05
C ARG A 65 -11.09 7.81 -2.91
N ARG A 66 -11.65 8.85 -2.29
CA ARG A 66 -10.94 10.10 -2.10
C ARG A 66 -10.72 10.38 -0.62
N PHE A 67 -9.49 10.70 -0.26
CA PHE A 67 -9.14 10.97 1.12
C PHE A 67 -8.23 12.19 1.25
N HIS A 68 -8.18 12.77 2.45
CA HIS A 68 -7.36 13.96 2.70
C HIS A 68 -5.98 13.58 3.24
N THR A 69 -5.42 12.51 2.71
CA THR A 69 -4.10 12.04 3.12
C THR A 69 -3.41 11.28 1.99
N MET A 70 -2.08 11.22 2.01
CA MET A 70 -1.35 10.53 0.94
C MET A 70 0.14 10.36 1.26
N ASP A 71 0.56 9.10 1.39
CA ASP A 71 1.97 8.77 1.66
C ASP A 71 2.33 8.94 3.13
N GLU A 72 1.60 9.81 3.81
CA GLU A 72 1.84 10.04 5.23
C GLU A 72 0.85 9.23 6.04
N LEU A 73 -0.22 8.83 5.36
CA LEU A 73 -1.27 8.03 5.97
C LEU A 73 -0.82 6.62 6.25
N VAL A 74 0.27 6.21 5.65
CA VAL A 74 0.77 4.87 5.88
C VAL A 74 1.38 4.76 7.27
N GLU A 75 1.58 5.91 7.91
CA GLU A 75 2.15 5.94 9.25
C GLU A 75 1.20 5.26 10.24
N HIS A 76 -0.03 5.75 10.30
CA HIS A 76 -1.04 5.19 11.18
C HIS A 76 -2.33 4.91 10.41
N TYR A 77 -2.25 4.98 9.08
CA TYR A 77 -3.38 4.72 8.21
C TYR A 77 -4.58 5.60 8.54
N LYS A 78 -4.55 6.83 8.03
CA LYS A 78 -5.65 7.77 8.24
C LYS A 78 -6.86 7.26 7.46
N LYS A 79 -6.75 7.32 6.14
CA LYS A 79 -7.79 6.83 5.25
C LYS A 79 -7.17 5.91 4.20
N ALA A 80 -6.66 4.79 4.69
CA ALA A 80 -6.00 3.80 3.86
C ALA A 80 -6.94 2.67 3.44
N PRO A 81 -6.66 2.01 2.29
CA PRO A 81 -7.48 0.90 1.79
C PRO A 81 -7.54 -0.26 2.78
N ILE A 82 -7.00 -0.03 3.97
CA ILE A 82 -6.97 -1.03 5.00
C ILE A 82 -8.37 -1.45 5.40
N PHE A 83 -8.52 -2.74 5.62
CA PHE A 83 -9.83 -3.31 5.99
C PHE A 83 -9.70 -4.43 7.03
N THR A 84 -10.79 -4.65 7.77
CA THR A 84 -10.81 -5.69 8.80
C THR A 84 -11.26 -7.04 8.26
N SER A 85 -10.34 -7.99 8.23
CA SER A 85 -10.61 -9.33 7.74
C SER A 85 -10.35 -10.37 8.84
N GLU A 86 -10.86 -11.59 8.64
CA GLU A 86 -10.67 -12.66 9.59
C GLU A 86 -11.17 -12.28 10.98
N HIS A 87 -12.30 -11.58 11.02
CA HIS A 87 -12.91 -11.15 12.28
C HIS A 87 -12.22 -9.92 12.87
N GLY A 88 -11.00 -10.09 13.37
CA GLY A 88 -10.29 -8.98 13.98
C GLY A 88 -8.96 -8.64 13.33
N GLU A 89 -8.67 -9.23 12.18
CA GLU A 89 -7.41 -8.94 11.49
C GLU A 89 -7.60 -7.73 10.59
N LYS A 90 -6.54 -6.95 10.42
CA LYS A 90 -6.62 -5.75 9.60
C LYS A 90 -5.57 -5.70 8.50
N LEU A 91 -6.02 -5.35 7.30
CA LEU A 91 -5.13 -5.20 6.15
C LEU A 91 -4.50 -3.83 6.28
N TYR A 92 -3.36 -3.77 6.99
CA TYR A 92 -2.67 -2.51 7.24
C TYR A 92 -1.43 -2.30 6.38
N LEU A 93 -1.22 -1.05 5.99
CA LEU A 93 -0.07 -0.68 5.17
C LEU A 93 1.22 -0.70 5.99
N VAL A 94 1.69 -1.91 6.29
CA VAL A 94 2.91 -2.07 7.07
C VAL A 94 4.14 -1.67 6.25
N ARG A 95 4.90 -2.65 5.76
CA ARG A 95 6.09 -2.39 4.97
C ARG A 95 6.64 -3.64 4.33
N ALA A 96 7.67 -3.44 3.52
CA ALA A 96 8.32 -4.53 2.82
C ALA A 96 9.22 -5.33 3.76
N LEU A 97 8.88 -6.60 3.94
CA LEU A 97 9.66 -7.47 4.82
C LEU A 97 10.35 -8.59 4.02
N GLN A 98 11.11 -9.41 4.72
CA GLN A 98 11.82 -10.52 4.09
C GLN A 98 11.18 -11.86 4.44
N ARG A 1 15.52 -0.50 6.92
CA ARG A 1 16.79 -0.74 6.18
C ARG A 1 16.55 -0.88 4.68
N GLU A 2 15.86 -1.95 4.30
CA GLU A 2 15.57 -2.20 2.90
C GLU A 2 14.06 -2.31 2.67
N TRP A 3 13.31 -1.39 3.29
CA TRP A 3 11.86 -1.39 3.15
C TRP A 3 11.41 -0.29 2.19
N TYR A 4 11.98 0.91 2.35
CA TYR A 4 11.62 2.04 1.50
C TYR A 4 12.86 2.64 0.84
N TYR A 5 13.18 2.16 -0.34
CA TYR A 5 14.34 2.65 -1.09
C TYR A 5 13.89 3.43 -2.31
N GLY A 6 14.80 3.65 -3.26
CA GLY A 6 14.45 4.39 -4.47
C GLY A 6 13.26 3.78 -5.17
N ASN A 7 13.04 2.50 -4.91
CA ASN A 7 11.92 1.76 -5.47
C ASN A 7 11.45 0.71 -4.47
N VAL A 8 10.15 0.45 -4.45
CA VAL A 8 9.59 -0.51 -3.51
C VAL A 8 8.86 -1.68 -4.19
N THR A 9 8.75 -1.68 -5.51
CA THR A 9 8.09 -2.79 -6.20
C THR A 9 8.92 -3.32 -7.35
N ARG A 10 8.40 -4.35 -8.00
CA ARG A 10 9.07 -4.98 -9.11
C ARG A 10 10.30 -5.74 -8.61
N HIS A 11 11.05 -5.08 -7.74
CA HIS A 11 12.23 -5.68 -7.13
C HIS A 11 12.01 -5.89 -5.64
N GLN A 12 11.57 -4.85 -4.93
CA GLN A 12 11.32 -4.94 -3.50
C GLN A 12 10.00 -5.61 -3.22
N ALA A 13 8.94 -5.16 -3.89
CA ALA A 13 7.61 -5.74 -3.69
C ALA A 13 7.66 -7.25 -3.73
N GLU A 14 8.45 -7.82 -4.64
CA GLU A 14 8.60 -9.27 -4.72
C GLU A 14 9.49 -9.72 -3.58
N CYS A 15 10.50 -8.92 -3.29
CA CYS A 15 11.40 -9.26 -2.18
C CYS A 15 10.64 -9.22 -0.85
N ALA A 16 9.38 -8.76 -0.89
CA ALA A 16 8.56 -8.66 0.32
C ALA A 16 7.35 -9.59 0.29
N LEU A 17 6.77 -9.77 -0.89
CA LEU A 17 5.61 -10.67 -1.01
C LEU A 17 5.93 -11.83 -1.94
N ASN A 18 7.10 -11.76 -2.57
CA ASN A 18 7.56 -12.81 -3.48
C ASN A 18 6.58 -13.03 -4.65
N GLU A 19 5.46 -12.34 -4.62
CA GLU A 19 4.45 -12.46 -5.67
C GLU A 19 3.18 -11.72 -5.28
N ARG A 20 2.46 -12.26 -4.29
CA ARG A 20 1.21 -11.66 -3.80
C ARG A 20 0.33 -12.73 -3.17
N GLY A 21 0.06 -12.59 -1.88
CA GLY A 21 -0.76 -13.56 -1.19
C GLY A 21 0.00 -14.31 -0.12
N VAL A 22 0.89 -13.60 0.58
CA VAL A 22 1.70 -14.21 1.62
C VAL A 22 1.99 -13.23 2.76
N GLU A 23 1.59 -13.58 3.98
CA GLU A 23 1.82 -12.73 5.15
C GLU A 23 1.40 -11.28 4.87
N GLY A 24 0.48 -10.75 5.67
CA GLY A 24 0.02 -9.39 5.47
C GLY A 24 1.14 -8.41 5.18
N ASP A 25 1.52 -8.30 3.92
CA ASP A 25 2.59 -7.43 3.51
C ASP A 25 2.07 -6.35 2.56
N PHE A 26 2.35 -5.09 2.88
CA PHE A 26 1.93 -3.97 2.05
C PHE A 26 3.09 -3.03 1.80
N LEU A 27 3.22 -2.60 0.57
CA LEU A 27 4.29 -1.68 0.21
C LEU A 27 3.81 -0.64 -0.79
N ILE A 28 3.89 0.63 -0.40
CA ILE A 28 3.45 1.73 -1.26
C ILE A 28 4.65 2.54 -1.74
N ARG A 29 4.66 2.88 -3.03
CA ARG A 29 5.75 3.63 -3.62
C ARG A 29 5.26 4.65 -4.63
N ASP A 30 6.07 5.69 -4.88
CA ASP A 30 5.71 6.72 -5.84
C ASP A 30 5.74 6.16 -7.26
N SER A 31 4.99 6.79 -8.15
CA SER A 31 4.92 6.36 -9.55
C SER A 31 5.23 7.51 -10.50
N GLU A 32 6.01 7.22 -11.54
CA GLU A 32 6.38 8.24 -12.52
C GLU A 32 7.12 9.39 -11.86
N SER A 33 7.91 9.07 -10.83
CA SER A 33 8.68 10.07 -10.11
C SER A 33 7.80 11.25 -9.69
N SER A 34 6.53 10.96 -9.44
CA SER A 34 5.59 12.00 -9.03
C SER A 34 5.26 11.88 -7.55
N PRO A 35 5.34 13.00 -6.79
CA PRO A 35 5.05 13.00 -5.36
C PRO A 35 3.56 12.94 -5.06
N SER A 36 2.74 13.05 -6.10
CA SER A 36 1.29 13.00 -5.95
C SER A 36 0.74 11.61 -6.26
N ASP A 37 1.49 10.85 -7.05
CA ASP A 37 1.06 9.50 -7.43
C ASP A 37 1.76 8.44 -6.57
N PHE A 38 0.98 7.48 -6.07
CA PHE A 38 1.51 6.41 -5.24
C PHE A 38 0.81 5.09 -5.54
N SER A 39 1.56 4.01 -5.43
CA SER A 39 1.02 2.68 -5.69
C SER A 39 1.39 1.75 -4.55
N VAL A 40 0.47 0.88 -4.15
CA VAL A 40 0.75 -0.04 -3.06
C VAL A 40 0.08 -1.40 -3.30
N SER A 41 0.82 -2.47 -2.99
CA SER A 41 0.32 -3.83 -3.19
C SER A 41 0.24 -4.61 -1.88
N LEU A 42 -0.86 -5.35 -1.70
CA LEU A 42 -1.06 -6.14 -0.49
C LEU A 42 -1.53 -7.56 -0.80
N LYS A 43 -1.34 -8.46 0.15
CA LYS A 43 -1.76 -9.84 0.01
C LYS A 43 -3.11 -10.05 0.69
N ALA A 44 -3.59 -11.29 0.68
CA ALA A 44 -4.86 -11.62 1.30
C ALA A 44 -5.03 -13.14 1.36
N SER A 45 -6.21 -13.59 1.79
CA SER A 45 -6.46 -15.03 1.88
C SER A 45 -6.42 -15.63 0.48
N GLY A 46 -5.20 -15.88 0.00
CA GLY A 46 -5.02 -16.44 -1.33
C GLY A 46 -5.24 -15.42 -2.43
N LYS A 47 -5.77 -14.26 -2.05
CA LYS A 47 -6.04 -13.18 -2.99
C LYS A 47 -5.08 -12.00 -2.78
N ASN A 48 -5.02 -11.12 -3.77
CA ASN A 48 -4.17 -9.93 -3.69
C ASN A 48 -5.01 -8.68 -3.85
N LYS A 49 -4.65 -7.63 -3.13
CA LYS A 49 -5.39 -6.37 -3.18
C LYS A 49 -4.64 -5.30 -3.97
N HIS A 50 -5.26 -4.82 -5.05
CA HIS A 50 -4.67 -3.77 -5.88
C HIS A 50 -4.87 -2.42 -5.21
N PHE A 51 -3.94 -1.50 -5.42
CA PHE A 51 -4.04 -0.19 -4.80
C PHE A 51 -3.42 0.92 -5.65
N LYS A 52 -4.24 1.90 -6.02
CA LYS A 52 -3.79 3.04 -6.80
C LYS A 52 -4.12 4.34 -6.08
N VAL A 53 -3.11 5.14 -5.84
CA VAL A 53 -3.30 6.41 -5.13
C VAL A 53 -2.88 7.59 -6.00
N GLN A 54 -3.86 8.37 -6.45
CA GLN A 54 -3.60 9.54 -7.29
C GLN A 54 -4.18 10.80 -6.67
N LEU A 55 -3.45 11.89 -6.74
CA LEU A 55 -3.89 13.14 -6.18
C LEU A 55 -4.76 13.91 -7.19
N VAL A 56 -6.03 14.08 -6.84
CA VAL A 56 -6.99 14.77 -7.68
C VAL A 56 -7.41 16.11 -7.08
N ASP A 57 -7.55 17.12 -7.92
CA ASP A 57 -7.98 18.46 -7.50
C ASP A 57 -7.49 18.81 -6.10
N ASN A 58 -6.18 18.69 -5.87
CA ASN A 58 -5.58 19.00 -4.58
C ASN A 58 -6.08 18.04 -3.50
N VAL A 59 -6.40 16.81 -3.91
CA VAL A 59 -6.87 15.78 -2.99
C VAL A 59 -6.27 14.42 -3.33
N TYR A 60 -5.62 13.82 -2.34
CA TYR A 60 -4.99 12.52 -2.52
C TYR A 60 -6.04 11.41 -2.53
N CYS A 61 -6.07 10.62 -3.59
CA CYS A 61 -7.03 9.53 -3.73
C CYS A 61 -6.49 8.21 -3.20
N ILE A 62 -7.27 7.55 -2.34
CA ILE A 62 -6.90 6.25 -1.78
C ILE A 62 -7.98 5.23 -2.09
N GLY A 63 -7.67 4.28 -2.97
CA GLY A 63 -8.65 3.27 -3.34
C GLY A 63 -9.64 3.78 -4.36
N GLN A 64 -10.84 4.12 -3.90
CA GLN A 64 -11.89 4.63 -4.78
C GLN A 64 -12.56 5.86 -4.18
N ARG A 65 -11.74 6.73 -3.61
CA ARG A 65 -12.23 7.96 -2.99
C ARG A 65 -11.09 8.97 -2.88
N ARG A 66 -11.42 10.22 -2.58
CA ARG A 66 -10.41 11.26 -2.45
C ARG A 66 -10.34 11.79 -1.04
N PHE A 67 -9.13 11.75 -0.50
CA PHE A 67 -8.87 12.18 0.88
C PHE A 67 -7.58 12.98 0.97
N HIS A 68 -7.44 13.70 2.08
CA HIS A 68 -6.26 14.54 2.31
C HIS A 68 -5.11 13.72 2.88
N THR A 69 -4.89 12.54 2.32
CA THR A 69 -3.81 11.67 2.77
C THR A 69 -3.23 10.84 1.63
N MET A 70 -1.98 10.42 1.78
CA MET A 70 -1.29 9.63 0.77
C MET A 70 0.20 9.53 1.11
N ASP A 71 0.70 8.29 1.16
CA ASP A 71 2.11 8.03 1.48
C ASP A 71 2.35 8.10 2.98
N GLU A 72 1.51 8.85 3.67
CA GLU A 72 1.62 8.97 5.12
C GLU A 72 0.52 8.15 5.78
N LEU A 73 -0.49 7.81 4.97
CA LEU A 73 -1.61 7.01 5.44
C LEU A 73 -1.25 5.54 5.53
N VAL A 74 -0.06 5.19 5.08
CA VAL A 74 0.37 3.81 5.14
C VAL A 74 0.97 3.52 6.51
N GLU A 75 1.19 4.58 7.28
CA GLU A 75 1.75 4.45 8.61
C GLU A 75 0.64 4.40 9.66
N HIS A 76 -0.48 5.03 9.34
CA HIS A 76 -1.62 5.06 10.25
C HIS A 76 -2.91 4.65 9.53
N TYR A 77 -2.79 4.11 8.31
CA TYR A 77 -3.93 3.68 7.54
C TYR A 77 -5.10 4.67 7.64
N LYS A 78 -4.88 5.86 7.09
CA LYS A 78 -5.89 6.92 7.10
C LYS A 78 -7.16 6.46 6.37
N LYS A 79 -7.61 7.19 5.35
CA LYS A 79 -8.82 6.78 4.65
C LYS A 79 -8.51 5.69 3.62
N ALA A 80 -8.04 4.57 4.14
CA ALA A 80 -7.71 3.38 3.37
C ALA A 80 -8.77 2.31 3.62
N PRO A 81 -8.97 1.34 2.69
CA PRO A 81 -9.94 0.26 2.91
C PRO A 81 -9.47 -0.68 4.02
N ILE A 82 -8.61 -0.16 4.88
CA ILE A 82 -8.05 -0.92 5.98
C ILE A 82 -9.16 -1.41 6.90
N PHE A 83 -9.36 -2.72 6.89
CA PHE A 83 -10.41 -3.37 7.67
C PHE A 83 -9.88 -4.53 8.52
N THR A 84 -10.58 -4.85 9.60
CA THR A 84 -10.19 -5.96 10.46
C THR A 84 -11.39 -6.85 10.76
N SER A 85 -11.13 -8.14 10.96
CA SER A 85 -12.18 -9.11 11.26
C SER A 85 -11.97 -9.70 12.64
N GLU A 86 -13.07 -9.78 13.41
CA GLU A 86 -13.03 -10.33 14.77
C GLU A 86 -12.13 -11.55 14.88
N HIS A 87 -12.33 -12.53 14.01
CA HIS A 87 -11.52 -13.75 14.02
C HIS A 87 -10.04 -13.41 14.08
N GLY A 88 -9.67 -12.27 13.51
CA GLY A 88 -8.28 -11.85 13.51
C GLY A 88 -7.74 -11.58 12.12
N GLU A 89 -8.61 -11.19 11.19
CA GLU A 89 -8.18 -10.89 9.83
C GLU A 89 -7.89 -9.41 9.71
N LYS A 90 -6.77 -9.05 9.11
CA LYS A 90 -6.41 -7.65 8.98
C LYS A 90 -6.09 -7.22 7.55
N LEU A 91 -6.66 -6.08 7.16
CA LEU A 91 -6.39 -5.49 5.85
C LEU A 91 -5.74 -4.16 6.11
N TYR A 92 -4.43 -4.15 6.21
CA TYR A 92 -3.70 -2.93 6.49
C TYR A 92 -2.36 -2.88 5.78
N LEU A 93 -1.78 -1.69 5.76
CA LEU A 93 -0.51 -1.48 5.10
C LEU A 93 0.65 -1.51 6.10
N VAL A 94 1.01 -2.71 6.55
CA VAL A 94 2.11 -2.85 7.49
C VAL A 94 3.40 -2.28 6.90
N ARG A 95 4.23 -3.13 6.30
CA ARG A 95 5.47 -2.69 5.69
C ARG A 95 6.16 -3.82 4.95
N ALA A 96 7.24 -3.44 4.29
CA ALA A 96 8.04 -4.36 3.51
C ALA A 96 8.90 -5.24 4.41
N LEU A 97 8.80 -6.55 4.21
CA LEU A 97 9.58 -7.51 5.00
C LEU A 97 9.10 -7.53 6.45
N GLN A 98 9.37 -6.45 7.17
CA GLN A 98 8.97 -6.35 8.57
C GLN A 98 7.94 -5.23 8.76
#